data_6BL0
#
_entry.id   6BL0
#
_cell.length_a   98.195
_cell.length_b   274.328
_cell.length_c   115.059
_cell.angle_alpha   90.00
_cell.angle_beta   90.00
_cell.angle_gamma   90.00
#
_symmetry.space_group_name_H-M   'C 2 2 21'
#
loop_
_entity.id
_entity.type
_entity.pdbx_description
1 polymer 'Isocitrate dehydrogenase [NADP] cytoplasmic'
2 non-polymer 'MAGNESIUM ION'
3 non-polymer 'ISOCITRIC ACID'
4 non-polymer (5aS,6S,8S,9aS)-2-(benzenecarbonyl)-6-methyl-7-oxo-9a-phenyl-4,5,5a,6,7,8,9,9a-octahydro-2H-benzo[g]indazole-8-carbonitrile
5 non-polymer 'NADP NICOTINAMIDE-ADENINE-DINUCLEOTIDE PHOSPHATE'
6 water water
#
_entity_poly.entity_id   1
_entity_poly.type   'polypeptide(L)'
_entity_poly.pdbx_seq_one_letter_code
;MSKKISGGSVVEMQGDEMTRIIWELIKEKLIFPYVELDLHSYDLGIENRDATNDQVTKDAAEAIKKHNVGVKCATITPDE
KRVEEFKLKQMWKSPNGTIRNILGGTVFREAIICKNIPRLVSGWVKPIIIGRHAYGDQYRATDFVVPGPGKVEITYTPSD
GTQKVTYLVHNFEEGGGVAMGMYNQDKSIEDFAHSSFQMALSKGWPLYLSTKNTILKKYDGRFKDIFQEIYDKQYKSQFE
AQKIWYEHRLIDDMVAQAMKSEGGFIWACKNYDGDVQSDSVAQGYGSLGMMTSVLVCPDGKTVEAEAAHGTVTRHYRMYQ
KGQETSTNPIASIFAWTRGLAHRAKLDNNKELAFFANALEEVSIETIEAGFMTKDLAACIKGLPNVQRSDYLNTFEFMDK
LGENLKIKLAQAKLSLEHHHHHHHH
;
_entity_poly.pdbx_strand_id   A,B,C
#
# COMPACT_ATOMS: atom_id res chain seq x y z
N LYS A 3 -26.28 -36.94 -6.44
CA LYS A 3 -25.18 -36.18 -7.03
C LYS A 3 -25.10 -34.75 -6.48
N LYS A 4 -23.89 -34.15 -6.59
CA LYS A 4 -23.55 -32.78 -6.17
C LYS A 4 -22.25 -32.45 -6.90
N ILE A 5 -22.14 -31.23 -7.45
CA ILE A 5 -20.93 -30.85 -8.21
C ILE A 5 -19.72 -30.79 -7.28
N SER A 6 -18.66 -31.52 -7.66
CA SER A 6 -17.40 -31.54 -6.92
C SER A 6 -16.70 -30.21 -7.28
N GLY A 7 -16.85 -29.22 -6.40
CA GLY A 7 -16.33 -27.88 -6.57
C GLY A 7 -14.82 -27.72 -6.48
N GLY A 8 -14.19 -28.39 -5.52
CA GLY A 8 -12.74 -28.30 -5.31
C GLY A 8 -12.34 -27.31 -4.24
N SER A 9 -11.06 -26.92 -4.23
CA SER A 9 -10.48 -26.00 -3.23
C SER A 9 -10.74 -24.54 -3.51
N VAL A 10 -11.46 -23.87 -2.59
CA VAL A 10 -11.79 -22.45 -2.71
C VAL A 10 -11.51 -21.76 -1.36
N VAL A 11 -10.80 -20.60 -1.41
CA VAL A 11 -10.54 -19.79 -0.21
C VAL A 11 -11.67 -18.77 -0.12
N GLU A 12 -12.41 -18.75 1.01
CA GLU A 12 -13.46 -17.76 1.19
C GLU A 12 -13.06 -16.80 2.30
N MET A 13 -13.38 -15.51 2.12
CA MET A 13 -13.10 -14.49 3.11
C MET A 13 -14.39 -13.85 3.53
N GLN A 14 -14.82 -14.13 4.76
CA GLN A 14 -16.05 -13.60 5.33
C GLN A 14 -15.81 -12.14 5.67
N GLY A 15 -16.87 -11.34 5.61
CA GLY A 15 -16.79 -9.93 5.84
C GLY A 15 -17.62 -9.36 6.96
N ASP A 16 -18.15 -8.16 6.70
CA ASP A 16 -18.85 -7.36 7.67
C ASP A 16 -20.26 -6.90 7.35
N GLU A 17 -21.01 -6.60 8.44
CA GLU A 17 -22.36 -6.04 8.48
C GLU A 17 -23.36 -6.73 7.53
N MET A 18 -24.17 -5.96 6.74
CA MET A 18 -25.18 -6.51 5.81
C MET A 18 -24.60 -7.46 4.77
N THR A 19 -23.38 -7.14 4.23
CA THR A 19 -22.70 -8.01 3.26
C THR A 19 -22.36 -9.38 3.86
N ARG A 20 -22.05 -9.45 5.18
CA ARG A 20 -21.78 -10.74 5.85
C ARG A 20 -23.06 -11.62 5.91
N ILE A 21 -24.22 -11.02 6.19
CA ILE A 21 -25.55 -11.67 6.25
C ILE A 21 -25.86 -12.28 4.87
N ILE A 22 -25.85 -11.43 3.82
CA ILE A 22 -26.08 -11.76 2.43
C ILE A 22 -25.12 -12.82 1.96
N TRP A 23 -23.84 -12.76 2.39
CA TRP A 23 -22.80 -13.74 2.03
C TRP A 23 -23.22 -15.15 2.47
N GLU A 24 -23.82 -15.24 3.68
CA GLU A 24 -24.29 -16.50 4.26
C GLU A 24 -25.54 -17.03 3.53
N LEU A 25 -26.56 -16.15 3.26
CA LEU A 25 -27.77 -16.47 2.47
C LEU A 25 -27.39 -17.08 1.11
N ILE A 26 -26.37 -16.50 0.42
CA ILE A 26 -25.83 -16.97 -0.85
C ILE A 26 -25.31 -18.39 -0.76
N LYS A 27 -24.44 -18.67 0.23
CA LYS A 27 -23.84 -20.00 0.44
C LYS A 27 -24.92 -21.04 0.65
N GLU A 28 -25.84 -20.74 1.59
CA GLU A 28 -26.93 -21.62 1.97
C GLU A 28 -27.96 -21.87 0.87
N LYS A 29 -28.38 -20.82 0.15
CA LYS A 29 -29.43 -20.95 -0.87
C LYS A 29 -28.96 -21.18 -2.30
N LEU A 30 -27.77 -20.70 -2.67
CA LEU A 30 -27.35 -20.78 -4.07
C LEU A 30 -26.15 -21.63 -4.36
N ILE A 31 -25.27 -21.84 -3.39
CA ILE A 31 -24.04 -22.60 -3.66
C ILE A 31 -24.08 -24.00 -3.07
N PHE A 32 -24.22 -24.10 -1.74
CA PHE A 32 -24.19 -25.37 -0.99
C PHE A 32 -25.22 -26.40 -1.47
N PRO A 33 -26.51 -26.06 -1.82
CA PRO A 33 -27.41 -27.10 -2.35
C PRO A 33 -26.95 -27.81 -3.63
N TYR A 34 -26.07 -27.17 -4.43
CA TYR A 34 -25.64 -27.69 -5.72
C TYR A 34 -24.17 -28.04 -5.84
N VAL A 35 -23.32 -27.44 -4.98
CA VAL A 35 -21.86 -27.56 -5.01
C VAL A 35 -21.27 -28.05 -3.67
N GLU A 36 -20.34 -29.01 -3.74
CA GLU A 36 -19.59 -29.56 -2.61
C GLU A 36 -18.17 -28.95 -2.74
N LEU A 37 -17.74 -28.16 -1.76
CA LEU A 37 -16.42 -27.52 -1.83
C LEU A 37 -15.49 -27.86 -0.70
N ASP A 38 -14.19 -27.89 -1.00
CA ASP A 38 -13.14 -27.98 0.02
C ASP A 38 -12.90 -26.49 0.35
N LEU A 39 -13.74 -25.94 1.24
CA LEU A 39 -13.76 -24.53 1.62
C LEU A 39 -12.77 -24.19 2.73
N HIS A 40 -11.83 -23.27 2.41
CA HIS A 40 -10.81 -22.76 3.34
C HIS A 40 -11.29 -21.37 3.78
N SER A 41 -12.02 -21.33 4.90
CA SER A 41 -12.66 -20.14 5.44
C SER A 41 -11.80 -19.32 6.41
N TYR A 42 -11.69 -18.02 6.11
CA TYR A 42 -10.96 -17.03 6.88
C TYR A 42 -11.92 -15.93 7.19
N ASP A 43 -12.13 -15.66 8.46
CA ASP A 43 -13.07 -14.63 8.84
C ASP A 43 -12.35 -13.27 8.86
N LEU A 44 -12.63 -12.44 7.84
CA LEU A 44 -12.07 -11.09 7.77
C LEU A 44 -13.03 -10.06 8.33
N GLY A 45 -13.95 -10.49 9.20
CA GLY A 45 -14.84 -9.59 9.91
C GLY A 45 -13.98 -8.75 10.84
N ILE A 46 -14.35 -7.50 11.06
CA ILE A 46 -13.59 -6.54 11.85
C ILE A 46 -13.16 -7.07 13.26
N GLU A 47 -14.03 -7.83 13.95
CA GLU A 47 -13.74 -8.40 15.28
C GLU A 47 -12.65 -9.46 15.20
N ASN A 48 -12.68 -10.32 14.18
CA ASN A 48 -11.64 -11.34 14.05
C ASN A 48 -10.29 -10.77 13.62
N ARG A 49 -10.30 -9.70 12.79
CA ARG A 49 -9.05 -9.05 12.38
C ARG A 49 -8.43 -8.41 13.63
N ASP A 50 -9.26 -7.78 14.48
CA ASP A 50 -8.83 -7.17 15.73
C ASP A 50 -8.24 -8.22 16.67
N ALA A 51 -8.93 -9.38 16.83
CA ALA A 51 -8.52 -10.48 17.69
C ALA A 51 -7.18 -11.11 17.26
N THR A 52 -6.89 -11.12 15.95
CA THR A 52 -5.68 -11.73 15.41
C THR A 52 -4.60 -10.69 15.03
N ASN A 53 -4.79 -9.41 15.39
CA ASN A 53 -3.86 -8.32 15.06
C ASN A 53 -3.61 -8.24 13.53
N ASP A 54 -4.71 -8.46 12.76
CA ASP A 54 -4.79 -8.46 11.30
C ASP A 54 -4.01 -9.62 10.65
N GLN A 55 -3.57 -10.62 11.44
CA GLN A 55 -2.86 -11.78 10.90
C GLN A 55 -3.76 -12.64 10.00
N VAL A 56 -5.07 -12.74 10.32
CA VAL A 56 -6.03 -13.52 9.52
C VAL A 56 -6.02 -13.09 8.02
N THR A 57 -5.85 -11.76 7.76
CA THR A 57 -5.80 -11.15 6.42
C THR A 57 -4.61 -11.67 5.62
N LYS A 58 -3.41 -11.68 6.25
CA LYS A 58 -2.17 -12.18 5.67
C LYS A 58 -2.27 -13.68 5.40
N ASP A 59 -2.86 -14.45 6.35
CA ASP A 59 -3.05 -15.91 6.21
C ASP A 59 -4.00 -16.23 5.06
N ALA A 60 -5.11 -15.46 4.92
CA ALA A 60 -6.07 -15.64 3.82
C ALA A 60 -5.36 -15.38 2.48
N ALA A 61 -4.53 -14.32 2.41
CA ALA A 61 -3.77 -13.98 1.20
C ALA A 61 -2.82 -15.14 0.80
N GLU A 62 -2.12 -15.73 1.78
CA GLU A 62 -1.21 -16.87 1.58
C GLU A 62 -1.98 -18.12 1.14
N ALA A 63 -3.19 -18.33 1.69
CA ALA A 63 -4.07 -19.45 1.29
C ALA A 63 -4.47 -19.30 -0.20
N ILE A 64 -4.77 -18.05 -0.67
CA ILE A 64 -5.12 -17.80 -2.08
C ILE A 64 -3.93 -18.15 -2.99
N LYS A 65 -2.70 -17.80 -2.58
CA LYS A 65 -1.47 -18.14 -3.29
C LYS A 65 -1.38 -19.66 -3.52
N LYS A 66 -1.71 -20.44 -2.50
CA LYS A 66 -1.65 -21.89 -2.47
C LYS A 66 -2.78 -22.58 -3.29
N HIS A 67 -4.05 -22.16 -3.10
CA HIS A 67 -5.20 -22.80 -3.75
C HIS A 67 -5.65 -22.18 -5.08
N ASN A 68 -5.11 -21.00 -5.45
CA ASN A 68 -5.31 -20.30 -6.74
C ASN A 68 -6.68 -19.61 -6.93
N VAL A 69 -7.62 -19.76 -5.99
CA VAL A 69 -8.93 -19.12 -6.13
C VAL A 69 -9.43 -18.68 -4.76
N GLY A 70 -9.85 -17.43 -4.70
CA GLY A 70 -10.38 -16.81 -3.49
C GLY A 70 -11.62 -16.00 -3.79
N VAL A 71 -12.54 -15.99 -2.84
CA VAL A 71 -13.78 -15.25 -2.98
C VAL A 71 -13.92 -14.39 -1.75
N LYS A 72 -14.08 -13.08 -1.94
CA LYS A 72 -14.09 -12.20 -0.78
C LYS A 72 -15.35 -11.38 -0.62
N CYS A 73 -15.85 -11.37 0.59
CA CYS A 73 -17.00 -10.59 1.01
C CYS A 73 -16.51 -9.16 1.34
N ALA A 74 -17.38 -8.16 1.20
CA ALA A 74 -17.03 -6.77 1.51
C ALA A 74 -16.66 -6.62 3.01
N THR A 75 -15.59 -5.82 3.32
CA THR A 75 -15.08 -5.63 4.68
C THR A 75 -15.00 -4.17 5.08
N ILE A 76 -15.04 -3.89 6.39
CA ILE A 76 -14.89 -2.53 6.92
C ILE A 76 -13.39 -2.20 6.93
N THR A 77 -13.03 -1.01 6.41
CA THR A 77 -11.68 -0.44 6.53
C THR A 77 -11.89 0.57 7.68
N PRO A 78 -11.35 0.28 8.88
CA PRO A 78 -11.68 1.12 10.04
C PRO A 78 -11.09 2.52 10.03
N ASP A 79 -11.94 3.48 10.47
CA ASP A 79 -11.57 4.86 10.70
C ASP A 79 -11.79 5.15 12.22
N GLU A 80 -11.56 6.40 12.67
CA GLU A 80 -11.70 6.82 14.07
C GLU A 80 -13.05 6.39 14.70
N LYS A 81 -14.17 6.58 13.98
CA LYS A 81 -15.52 6.19 14.43
C LYS A 81 -15.69 4.68 14.55
N ARG A 82 -15.03 3.90 13.67
CA ARG A 82 -15.03 2.43 13.70
C ARG A 82 -14.19 1.90 14.87
N VAL A 83 -13.05 2.57 15.16
CA VAL A 83 -12.19 2.22 16.30
C VAL A 83 -13.03 2.35 17.60
N GLU A 84 -13.82 3.45 17.72
CA GLU A 84 -14.71 3.72 18.86
C GLU A 84 -15.81 2.69 18.96
N GLU A 85 -16.47 2.38 17.83
CA GLU A 85 -17.59 1.43 17.71
C GLU A 85 -17.22 0.01 18.14
N PHE A 86 -16.11 -0.52 17.62
CA PHE A 86 -15.70 -1.89 17.89
C PHE A 86 -14.64 -2.02 18.98
N LYS A 87 -14.26 -0.88 19.61
CA LYS A 87 -13.22 -0.78 20.65
C LYS A 87 -11.93 -1.49 20.17
N LEU A 88 -11.50 -1.17 18.93
CA LEU A 88 -10.35 -1.78 18.27
C LEU A 88 -9.02 -1.42 18.94
N LYS A 89 -8.03 -2.31 18.88
CA LYS A 89 -6.70 -2.08 19.44
C LYS A 89 -5.95 -1.06 18.59
N GLN A 90 -6.22 -1.06 17.26
CA GLN A 90 -5.59 -0.20 16.26
C GLN A 90 -6.57 0.10 15.14
N MET A 91 -6.24 1.10 14.30
CA MET A 91 -7.01 1.45 13.13
C MET A 91 -6.39 0.63 12.00
N TRP A 92 -6.77 -0.65 11.93
CA TRP A 92 -6.24 -1.62 10.98
C TRP A 92 -6.32 -1.13 9.54
N LYS A 93 -5.29 -1.48 8.76
CA LYS A 93 -5.16 -1.13 7.34
C LYS A 93 -6.20 -1.89 6.53
N SER A 94 -6.57 -1.36 5.36
CA SER A 94 -7.51 -1.99 4.44
C SER A 94 -7.11 -3.46 4.14
N PRO A 95 -8.03 -4.42 4.38
CA PRO A 95 -7.72 -5.82 4.07
C PRO A 95 -7.47 -6.05 2.57
N ASN A 96 -8.16 -5.28 1.73
CA ASN A 96 -8.03 -5.35 0.26
C ASN A 96 -6.63 -4.93 -0.15
N GLY A 97 -6.12 -3.86 0.48
CA GLY A 97 -4.77 -3.34 0.28
C GLY A 97 -3.72 -4.36 0.64
N THR A 98 -3.89 -5.01 1.81
CA THR A 98 -3.00 -6.05 2.30
C THR A 98 -2.94 -7.23 1.32
N ILE A 99 -4.11 -7.76 0.93
CA ILE A 99 -4.26 -8.90 0.00
C ILE A 99 -3.66 -8.58 -1.36
N ARG A 100 -4.02 -7.42 -1.93
CA ARG A 100 -3.51 -6.99 -3.23
C ARG A 100 -2.00 -6.78 -3.19
N ASN A 101 -1.46 -6.28 -2.04
CA ASN A 101 -0.03 -6.08 -1.86
C ASN A 101 0.71 -7.42 -1.89
N ILE A 102 0.11 -8.43 -1.29
CA ILE A 102 0.72 -9.77 -1.25
C ILE A 102 0.61 -10.49 -2.61
N LEU A 103 -0.59 -10.45 -3.24
CA LEU A 103 -0.84 -11.18 -4.48
C LEU A 103 -0.33 -10.50 -5.74
N GLY A 104 -0.53 -9.19 -5.84
CA GLY A 104 -0.19 -8.42 -7.03
C GLY A 104 -1.19 -8.68 -8.14
N GLY A 105 -0.97 -8.05 -9.29
CA GLY A 105 -1.80 -8.24 -10.47
C GLY A 105 -2.67 -7.07 -10.84
N THR A 106 -3.76 -7.35 -11.55
CA THR A 106 -4.68 -6.36 -12.06
C THR A 106 -6.08 -6.73 -11.63
N VAL A 107 -6.85 -5.75 -11.18
CA VAL A 107 -8.23 -5.93 -10.79
C VAL A 107 -9.06 -5.42 -11.93
N PHE A 108 -9.75 -6.35 -12.60
CA PHE A 108 -10.64 -6.02 -13.71
C PHE A 108 -12.05 -5.78 -13.22
N ARG A 109 -12.58 -4.59 -13.53
CA ARG A 109 -13.90 -4.15 -13.14
C ARG A 109 -14.76 -3.87 -14.35
N GLU A 110 -16.00 -4.36 -14.28
CA GLU A 110 -16.96 -4.27 -15.36
C GLU A 110 -18.36 -4.26 -14.77
N ALA A 111 -19.24 -3.45 -15.33
CA ALA A 111 -20.64 -3.37 -14.89
C ALA A 111 -21.41 -4.68 -15.19
N ILE A 112 -22.43 -4.97 -14.36
CA ILE A 112 -23.32 -6.12 -14.55
C ILE A 112 -24.59 -5.48 -15.13
N ILE A 113 -24.79 -5.71 -16.44
CA ILE A 113 -25.85 -5.07 -17.22
C ILE A 113 -27.15 -5.84 -17.27
N CYS A 114 -28.26 -5.14 -16.96
CA CYS A 114 -29.64 -5.62 -17.07
C CYS A 114 -30.35 -4.65 -17.99
N LYS A 115 -30.90 -5.16 -19.11
CA LYS A 115 -31.62 -4.43 -20.18
C LYS A 115 -32.64 -3.40 -19.71
N ASN A 116 -33.24 -3.62 -18.52
CA ASN A 116 -34.29 -2.80 -17.94
C ASN A 116 -33.81 -1.76 -16.92
N ILE A 117 -32.51 -1.78 -16.58
CA ILE A 117 -31.95 -0.83 -15.61
C ILE A 117 -31.38 0.39 -16.39
N PRO A 118 -31.90 1.61 -16.21
CA PRO A 118 -31.43 2.75 -17.01
C PRO A 118 -30.01 3.26 -16.69
N ARG A 119 -29.21 3.61 -17.75
CA ARG A 119 -27.89 4.21 -17.56
C ARG A 119 -28.03 5.68 -17.24
N LEU A 120 -27.03 6.25 -16.53
CA LEU A 120 -27.00 7.69 -16.26
C LEU A 120 -26.22 8.36 -17.39
N VAL A 121 -25.40 7.57 -18.13
CA VAL A 121 -24.60 8.02 -19.27
C VAL A 121 -25.24 7.40 -20.51
N SER A 122 -25.93 8.26 -21.28
CA SER A 122 -26.70 7.96 -22.50
C SER A 122 -26.00 7.08 -23.55
N GLY A 123 -24.78 7.44 -23.92
CA GLY A 123 -24.04 6.74 -24.96
C GLY A 123 -23.44 5.37 -24.71
N TRP A 124 -23.31 4.93 -23.44
CA TRP A 124 -22.64 3.65 -23.12
C TRP A 124 -23.42 2.38 -23.50
N VAL A 125 -23.45 2.07 -24.79
CA VAL A 125 -24.15 0.90 -25.33
C VAL A 125 -23.29 -0.37 -25.30
N LYS A 126 -21.97 -0.22 -25.21
CA LYS A 126 -21.03 -1.33 -25.15
C LYS A 126 -20.30 -1.29 -23.80
N PRO A 127 -19.76 -2.42 -23.29
CA PRO A 127 -19.12 -2.39 -21.96
C PRO A 127 -17.75 -1.74 -21.90
N ILE A 128 -17.44 -1.10 -20.76
CA ILE A 128 -16.11 -0.53 -20.48
C ILE A 128 -15.48 -1.43 -19.42
N ILE A 129 -14.34 -2.04 -19.74
CA ILE A 129 -13.63 -2.88 -18.79
C ILE A 129 -12.40 -2.11 -18.23
N ILE A 130 -12.44 -1.78 -16.94
CA ILE A 130 -11.36 -1.09 -16.26
C ILE A 130 -10.41 -2.13 -15.69
N GLY A 131 -9.16 -2.07 -16.15
CA GLY A 131 -8.07 -2.90 -15.65
C GLY A 131 -7.24 -2.08 -14.66
N ARG A 132 -7.53 -2.24 -13.34
CA ARG A 132 -6.87 -1.49 -12.25
C ARG A 132 -5.61 -2.16 -11.80
N HIS A 133 -4.46 -1.48 -11.96
CA HIS A 133 -3.17 -2.02 -11.45
C HIS A 133 -3.37 -2.13 -9.93
N ALA A 134 -3.16 -3.31 -9.33
CA ALA A 134 -3.48 -3.58 -7.91
C ALA A 134 -2.37 -3.37 -6.90
N TYR A 135 -1.19 -3.04 -7.40
CA TYR A 135 -0.01 -2.91 -6.56
C TYR A 135 0.53 -1.50 -6.45
N GLY A 136 1.01 -1.17 -5.25
CA GLY A 136 1.73 0.07 -4.93
C GLY A 136 0.99 1.38 -5.03
N ASP A 137 1.77 2.44 -5.34
CA ASP A 137 1.33 3.85 -5.37
C ASP A 137 0.71 4.22 -3.99
N GLN A 138 -0.40 4.96 -3.95
CA GLN A 138 -1.07 5.42 -2.73
C GLN A 138 -1.49 4.31 -1.75
N TYR A 139 -1.63 3.06 -2.22
CA TYR A 139 -2.11 1.93 -1.43
C TYR A 139 -1.01 1.14 -0.72
N ARG A 140 0.25 1.59 -0.88
CA ARG A 140 1.40 1.03 -0.18
C ARG A 140 2.36 2.16 0.14
N ALA A 141 1.81 3.34 0.40
CA ALA A 141 2.55 4.59 0.63
C ALA A 141 2.96 4.84 2.08
N THR A 142 3.88 5.79 2.28
CA THR A 142 4.33 6.19 3.63
C THR A 142 4.01 7.66 3.76
N ASP A 143 3.00 7.99 4.53
CA ASP A 143 2.61 9.40 4.69
C ASP A 143 2.64 9.79 6.15
N PHE A 144 2.90 11.07 6.41
CA PHE A 144 3.01 11.60 7.77
C PHE A 144 2.71 13.09 7.79
N VAL A 145 2.39 13.60 8.98
CA VAL A 145 2.17 15.02 9.23
C VAL A 145 3.55 15.66 9.48
N VAL A 146 3.80 16.83 8.88
CA VAL A 146 5.03 17.60 9.08
C VAL A 146 4.66 18.62 10.19
N PRO A 147 5.22 18.48 11.43
CA PRO A 147 4.73 19.33 12.54
C PRO A 147 5.14 20.81 12.50
N GLY A 148 6.22 21.11 11.79
CA GLY A 148 6.71 22.48 11.68
C GLY A 148 7.83 22.62 10.68
N PRO A 149 8.50 23.81 10.67
CA PRO A 149 9.60 24.04 9.71
C PRO A 149 10.67 22.93 9.73
N GLY A 150 11.25 22.71 8.58
CA GLY A 150 12.25 21.64 8.41
C GLY A 150 12.17 21.02 7.02
N LYS A 151 13.20 20.27 6.66
CA LYS A 151 13.36 19.62 5.37
C LYS A 151 12.79 18.21 5.32
N VAL A 152 12.03 17.93 4.22
CA VAL A 152 11.53 16.62 3.86
C VAL A 152 12.36 16.20 2.64
N GLU A 153 13.05 15.08 2.75
CA GLU A 153 13.88 14.57 1.68
C GLU A 153 13.52 13.16 1.41
N ILE A 154 13.76 12.72 0.17
CA ILE A 154 13.55 11.33 -0.19
C ILE A 154 14.90 10.79 -0.70
N THR A 155 15.35 9.63 -0.18
CA THR A 155 16.66 9.09 -0.57
C THR A 155 16.64 7.70 -1.19
N TYR A 156 17.55 7.46 -2.12
CA TYR A 156 17.72 6.14 -2.72
C TYR A 156 19.17 5.68 -2.49
N THR A 157 19.31 4.50 -1.87
CA THR A 157 20.61 3.90 -1.63
C THR A 157 20.67 2.53 -2.32
N PRO A 158 21.45 2.38 -3.41
CA PRO A 158 21.58 1.05 -4.05
C PRO A 158 22.08 0.01 -3.04
N SER A 159 21.62 -1.24 -3.18
CA SER A 159 21.96 -2.32 -2.24
C SER A 159 23.49 -2.54 -2.07
N ASP A 160 24.34 -2.16 -3.07
CA ASP A 160 25.80 -2.27 -2.95
C ASP A 160 26.42 -1.21 -1.98
N GLY A 161 25.66 -0.17 -1.64
CA GLY A 161 26.06 0.90 -0.73
C GLY A 161 27.16 1.82 -1.23
N THR A 162 27.42 1.83 -2.57
CA THR A 162 28.49 2.62 -3.22
C THR A 162 28.06 4.04 -3.63
N GLN A 163 26.76 4.39 -3.45
CA GLN A 163 26.19 5.71 -3.72
C GLN A 163 24.89 5.92 -2.92
N LYS A 164 24.44 7.17 -2.89
CA LYS A 164 23.26 7.63 -2.18
C LYS A 164 22.75 8.90 -2.91
N VAL A 165 21.51 8.88 -3.38
CA VAL A 165 20.88 10.01 -4.05
C VAL A 165 19.84 10.58 -3.08
N THR A 166 19.95 11.88 -2.79
CA THR A 166 19.01 12.57 -1.89
C THR A 166 18.27 13.65 -2.68
N TYR A 167 16.94 13.57 -2.72
CA TYR A 167 16.12 14.56 -3.39
C TYR A 167 15.39 15.37 -2.34
N LEU A 168 15.36 16.69 -2.49
CA LEU A 168 14.60 17.51 -1.58
C LEU A 168 13.14 17.48 -2.06
N VAL A 169 12.24 17.12 -1.16
CA VAL A 169 10.81 17.08 -1.46
C VAL A 169 10.33 18.52 -1.21
N HIS A 170 10.62 19.05 -0.03
CA HIS A 170 10.27 20.41 0.35
C HIS A 170 10.98 20.86 1.61
N ASN A 171 11.34 22.14 1.61
CA ASN A 171 11.86 22.73 2.81
C ASN A 171 10.74 23.62 3.37
N PHE A 172 10.08 23.16 4.44
CA PHE A 172 9.02 23.89 5.12
C PHE A 172 9.65 25.05 5.89
N GLU A 173 9.31 26.27 5.53
CA GLU A 173 9.93 27.43 6.17
C GLU A 173 9.00 28.11 7.19
N GLU A 174 7.71 28.05 6.95
CA GLU A 174 6.71 28.61 7.87
C GLU A 174 5.63 27.56 8.07
N GLY A 175 5.48 27.10 9.30
CA GLY A 175 4.51 26.08 9.65
C GLY A 175 4.86 24.71 9.12
N GLY A 176 3.91 23.79 9.23
CA GLY A 176 4.07 22.44 8.74
C GLY A 176 3.09 22.09 7.63
N GLY A 177 2.75 20.83 7.57
CA GLY A 177 1.84 20.30 6.58
C GLY A 177 1.90 18.80 6.56
N VAL A 178 2.09 18.24 5.37
CA VAL A 178 2.09 16.79 5.13
C VAL A 178 3.08 16.41 4.09
N ALA A 179 3.53 15.15 4.13
CA ALA A 179 4.45 14.66 3.12
C ALA A 179 4.22 13.17 2.98
N MET A 180 4.58 12.62 1.83
CA MET A 180 4.46 11.19 1.61
C MET A 180 5.41 10.69 0.57
N GLY A 181 5.79 9.42 0.70
CA GLY A 181 6.62 8.70 -0.24
C GLY A 181 5.84 7.53 -0.75
N MET A 182 5.91 7.25 -2.03
CA MET A 182 5.22 6.11 -2.64
C MET A 182 6.09 5.58 -3.75
N TYR A 183 5.80 4.38 -4.22
CA TYR A 183 6.64 3.74 -5.21
C TYR A 183 5.86 2.76 -6.01
N ASN A 184 6.51 2.25 -7.06
CA ASN A 184 6.05 1.12 -7.86
C ASN A 184 7.26 0.35 -8.33
N GLN A 185 7.03 -0.89 -8.75
CA GLN A 185 8.05 -1.85 -9.16
C GLN A 185 7.92 -2.22 -10.63
N ASP A 186 9.05 -2.24 -11.37
CA ASP A 186 9.09 -2.55 -12.80
C ASP A 186 8.38 -3.86 -13.17
N LYS A 187 8.65 -4.94 -12.42
CA LYS A 187 8.04 -6.24 -12.66
C LYS A 187 6.51 -6.22 -12.56
N SER A 188 5.99 -5.51 -11.55
CA SER A 188 4.55 -5.34 -11.34
C SER A 188 3.94 -4.54 -12.50
N ILE A 189 4.66 -3.50 -12.97
CA ILE A 189 4.19 -2.69 -14.11
C ILE A 189 4.14 -3.54 -15.39
N GLU A 190 5.16 -4.40 -15.59
CA GLU A 190 5.26 -5.31 -16.75
C GLU A 190 4.10 -6.28 -16.81
N ASP A 191 3.73 -6.86 -15.65
CA ASP A 191 2.62 -7.78 -15.52
C ASP A 191 1.28 -7.10 -15.78
N PHE A 192 1.15 -5.83 -15.36
CA PHE A 192 -0.03 -4.98 -15.57
C PHE A 192 -0.22 -4.72 -17.08
N ALA A 193 0.89 -4.40 -17.79
CA ALA A 193 0.90 -4.19 -19.24
C ALA A 193 0.47 -5.50 -19.98
N HIS A 194 1.08 -6.64 -19.65
CA HIS A 194 0.72 -7.95 -20.22
C HIS A 194 -0.75 -8.30 -20.01
N SER A 195 -1.26 -8.15 -18.77
CA SER A 195 -2.66 -8.42 -18.41
C SER A 195 -3.61 -7.56 -19.22
N SER A 196 -3.23 -6.28 -19.43
CA SER A 196 -4.01 -5.30 -20.18
C SER A 196 -4.09 -5.63 -21.69
N PHE A 197 -2.95 -5.93 -22.34
CA PHE A 197 -2.87 -6.28 -23.75
C PHE A 197 -3.65 -7.55 -24.02
N GLN A 198 -3.49 -8.56 -23.14
CA GLN A 198 -4.18 -9.85 -23.21
C GLN A 198 -5.69 -9.76 -23.06
N MET A 199 -6.17 -8.87 -22.16
CA MET A 199 -7.61 -8.65 -21.94
C MET A 199 -8.25 -8.04 -23.19
N ALA A 200 -7.55 -7.06 -23.80
CA ALA A 200 -8.00 -6.38 -25.00
C ALA A 200 -8.11 -7.36 -26.18
N LEU A 201 -7.12 -8.27 -26.31
CA LEU A 201 -7.08 -9.30 -27.35
C LEU A 201 -8.14 -10.38 -27.14
N SER A 202 -8.46 -10.72 -25.88
CA SER A 202 -9.49 -11.72 -25.60
C SER A 202 -10.90 -11.17 -25.86
N LYS A 203 -11.10 -9.86 -25.68
CA LYS A 203 -12.40 -9.21 -25.90
C LYS A 203 -12.54 -8.64 -27.32
N GLY A 204 -11.41 -8.42 -27.99
CA GLY A 204 -11.35 -7.85 -29.32
C GLY A 204 -11.70 -6.38 -29.33
N TRP A 205 -11.25 -5.63 -28.29
CA TRP A 205 -11.51 -4.19 -28.17
C TRP A 205 -10.20 -3.40 -28.09
N PRO A 206 -10.21 -2.10 -28.43
CA PRO A 206 -8.98 -1.31 -28.25
C PRO A 206 -8.63 -1.10 -26.76
N LEU A 207 -7.36 -0.79 -26.49
CA LEU A 207 -6.84 -0.56 -25.16
C LEU A 207 -6.30 0.86 -24.98
N TYR A 208 -6.71 1.50 -23.88
CA TYR A 208 -6.25 2.84 -23.52
C TYR A 208 -5.61 2.80 -22.13
N LEU A 209 -4.40 3.37 -22.01
CA LEU A 209 -3.70 3.52 -20.72
C LEU A 209 -3.73 4.99 -20.38
N SER A 210 -4.20 5.32 -19.16
CA SER A 210 -4.21 6.70 -18.71
C SER A 210 -3.10 6.94 -17.70
N THR A 211 -2.36 8.07 -17.85
CA THR A 211 -1.32 8.50 -16.87
C THR A 211 -1.34 10.02 -16.84
N LYS A 212 -0.45 10.61 -16.01
CA LYS A 212 -0.22 12.05 -15.97
C LYS A 212 1.29 12.27 -16.20
N ASN A 213 1.84 11.64 -17.26
CA ASN A 213 3.27 11.66 -17.59
C ASN A 213 3.83 13.04 -17.94
N THR A 214 2.96 14.02 -18.26
CA THR A 214 3.40 15.39 -18.55
C THR A 214 3.82 16.06 -17.25
N ILE A 215 3.26 15.59 -16.11
CA ILE A 215 3.51 16.11 -14.76
C ILE A 215 4.50 15.21 -14.02
N LEU A 216 4.20 13.91 -13.93
CA LEU A 216 5.06 12.94 -13.27
C LEU A 216 5.87 12.26 -14.36
N LYS A 217 6.83 13.01 -14.90
CA LYS A 217 7.66 12.62 -16.06
C LYS A 217 8.39 11.32 -15.89
N LYS A 218 8.96 11.09 -14.71
CA LYS A 218 9.72 9.88 -14.42
C LYS A 218 8.82 8.73 -13.96
N TYR A 219 7.95 8.99 -12.98
CA TYR A 219 7.07 7.99 -12.38
C TYR A 219 6.06 7.42 -13.40
N ASP A 220 5.22 8.29 -14.00
CA ASP A 220 4.23 7.90 -15.01
C ASP A 220 4.84 7.61 -16.35
N GLY A 221 5.97 8.27 -16.64
CA GLY A 221 6.72 8.05 -17.88
C GLY A 221 7.15 6.61 -17.96
N ARG A 222 7.47 6.02 -16.82
CA ARG A 222 7.87 4.62 -16.74
C ARG A 222 6.70 3.68 -17.10
N PHE A 223 5.48 3.94 -16.59
CA PHE A 223 4.29 3.14 -16.95
C PHE A 223 4.10 3.24 -18.48
N LYS A 224 4.14 4.48 -19.04
CA LYS A 224 4.02 4.76 -20.47
C LYS A 224 5.06 4.03 -21.31
N ASP A 225 6.35 4.10 -20.92
CA ASP A 225 7.46 3.43 -21.61
C ASP A 225 7.34 1.92 -21.58
N ILE A 226 6.95 1.34 -20.43
CA ILE A 226 6.80 -0.12 -20.29
C ILE A 226 5.65 -0.64 -21.17
N PHE A 227 4.50 0.06 -21.18
CA PHE A 227 3.35 -0.32 -22.02
C PHE A 227 3.68 -0.22 -23.51
N GLN A 228 4.31 0.89 -23.94
CA GLN A 228 4.70 1.11 -25.34
C GLN A 228 5.71 0.08 -25.85
N GLU A 229 6.74 -0.23 -25.04
CA GLU A 229 7.79 -1.18 -25.33
C GLU A 229 7.22 -2.59 -25.52
N ILE A 230 6.38 -3.05 -24.56
CA ILE A 230 5.74 -4.38 -24.58
C ILE A 230 4.79 -4.51 -25.78
N TYR A 231 4.05 -3.44 -26.13
CA TYR A 231 3.14 -3.39 -27.28
C TYR A 231 3.91 -3.62 -28.60
N ASP A 232 4.91 -2.76 -28.90
CA ASP A 232 5.75 -2.81 -30.09
C ASP A 232 6.43 -4.16 -30.30
N LYS A 233 6.98 -4.76 -29.24
CA LYS A 233 7.72 -6.02 -29.30
C LYS A 233 6.88 -7.29 -29.24
N GLN A 234 5.76 -7.29 -28.50
CA GLN A 234 4.99 -8.53 -28.31
C GLN A 234 3.50 -8.53 -28.72
N TYR A 235 2.86 -7.37 -28.94
CA TYR A 235 1.42 -7.40 -29.19
C TYR A 235 0.90 -6.65 -30.41
N LYS A 236 1.66 -5.68 -30.96
CA LYS A 236 1.23 -4.83 -32.09
C LYS A 236 0.59 -5.60 -33.27
N SER A 237 1.27 -6.67 -33.77
CA SER A 237 0.77 -7.46 -34.91
C SER A 237 -0.57 -8.13 -34.59
N GLN A 238 -0.72 -8.61 -33.34
CA GLN A 238 -1.94 -9.24 -32.82
C GLN A 238 -3.11 -8.25 -32.79
N PHE A 239 -2.86 -6.98 -32.38
CA PHE A 239 -3.86 -5.90 -32.35
C PHE A 239 -4.28 -5.52 -33.77
N GLU A 240 -3.29 -5.42 -34.69
CA GLU A 240 -3.49 -5.10 -36.11
C GLU A 240 -4.34 -6.18 -36.80
N ALA A 241 -4.12 -7.47 -36.45
CA ALA A 241 -4.86 -8.63 -36.96
C ALA A 241 -6.35 -8.60 -36.56
N GLN A 242 -6.66 -8.10 -35.34
CA GLN A 242 -8.03 -8.00 -34.84
C GLN A 242 -8.64 -6.63 -35.12
N LYS A 243 -7.88 -5.75 -35.81
CA LYS A 243 -8.27 -4.38 -36.18
C LYS A 243 -8.58 -3.51 -34.95
N ILE A 244 -7.79 -3.72 -33.88
CA ILE A 244 -7.86 -2.96 -32.63
C ILE A 244 -6.56 -2.18 -32.44
N TRP A 245 -6.50 -1.32 -31.42
CA TRP A 245 -5.30 -0.51 -31.20
C TRP A 245 -5.01 -0.27 -29.72
N TYR A 246 -3.80 0.21 -29.42
CA TYR A 246 -3.38 0.61 -28.08
C TYR A 246 -2.96 2.07 -28.14
N GLU A 247 -3.59 2.91 -27.31
CA GLU A 247 -3.30 4.34 -27.21
C GLU A 247 -3.06 4.81 -25.76
N HIS A 248 -2.12 5.76 -25.57
CA HIS A 248 -1.87 6.36 -24.28
C HIS A 248 -2.59 7.68 -24.27
N ARG A 249 -3.32 7.96 -23.20
CA ARG A 249 -3.97 9.26 -23.09
C ARG A 249 -3.74 9.86 -21.69
N LEU A 250 -3.77 11.19 -21.58
CA LEU A 250 -3.62 11.83 -20.29
C LEU A 250 -4.93 11.54 -19.55
N ILE A 251 -4.86 11.28 -18.24
CA ILE A 251 -6.00 10.89 -17.42
C ILE A 251 -7.21 11.85 -17.54
N ASP A 252 -6.99 13.19 -17.48
CA ASP A 252 -8.10 14.14 -17.58
C ASP A 252 -8.76 14.10 -18.98
N ASP A 253 -7.95 13.88 -20.05
CA ASP A 253 -8.47 13.74 -21.41
C ASP A 253 -9.28 12.43 -21.46
N MET A 254 -8.69 11.33 -20.99
CA MET A 254 -9.24 9.99 -20.94
C MET A 254 -10.65 9.92 -20.32
N VAL A 255 -10.86 10.54 -19.14
CA VAL A 255 -12.16 10.52 -18.45
C VAL A 255 -13.23 11.25 -19.27
N ALA A 256 -12.85 12.35 -19.99
CA ALA A 256 -13.74 13.10 -20.86
C ALA A 256 -14.05 12.22 -22.09
N GLN A 257 -13.03 11.54 -22.64
CA GLN A 257 -13.17 10.63 -23.76
C GLN A 257 -14.15 9.47 -23.45
N ALA A 258 -14.00 8.87 -22.25
CA ALA A 258 -14.84 7.76 -21.79
C ALA A 258 -16.28 8.21 -21.65
N MET A 259 -16.48 9.38 -21.04
CA MET A 259 -17.77 10.00 -20.81
C MET A 259 -18.58 10.17 -22.11
N LYS A 260 -17.93 10.63 -23.20
CA LYS A 260 -18.64 10.86 -24.47
C LYS A 260 -18.55 9.68 -25.45
N SER A 261 -17.92 8.55 -25.06
CA SER A 261 -17.80 7.38 -25.92
C SER A 261 -19.08 6.52 -25.90
N GLU A 262 -19.04 5.41 -26.62
CA GLU A 262 -20.15 4.46 -26.64
C GLU A 262 -19.75 3.16 -25.92
N GLY A 263 -18.61 3.20 -25.23
CA GLY A 263 -18.05 2.05 -24.54
C GLY A 263 -17.27 1.19 -25.50
N GLY A 264 -17.06 -0.06 -25.16
CA GLY A 264 -16.35 -0.99 -26.03
C GLY A 264 -14.85 -0.81 -26.07
N PHE A 265 -14.23 -0.72 -24.89
CA PHE A 265 -12.77 -0.60 -24.78
C PHE A 265 -12.29 -1.09 -23.44
N ILE A 266 -10.98 -1.38 -23.38
CA ILE A 266 -10.30 -1.77 -22.16
C ILE A 266 -9.55 -0.50 -21.69
N TRP A 267 -9.74 -0.15 -20.41
CA TRP A 267 -9.11 1.01 -19.81
C TRP A 267 -8.11 0.58 -18.71
N ALA A 268 -6.79 0.55 -19.06
CA ALA A 268 -5.70 0.25 -18.12
C ALA A 268 -5.52 1.49 -17.26
N CYS A 269 -5.76 1.33 -15.96
CA CYS A 269 -5.74 2.38 -14.97
C CYS A 269 -4.65 2.12 -13.96
N LYS A 270 -3.98 3.20 -13.48
CA LYS A 270 -3.03 3.06 -12.38
C LYS A 270 -3.92 2.82 -11.13
N ASN A 271 -3.34 2.23 -10.08
CA ASN A 271 -4.04 1.85 -8.85
C ASN A 271 -5.14 2.83 -8.41
N TYR A 272 -4.79 4.09 -8.13
CA TYR A 272 -5.72 5.12 -7.67
C TYR A 272 -6.82 5.46 -8.67
N ASP A 273 -6.46 5.64 -9.96
CA ASP A 273 -7.43 5.98 -11.00
C ASP A 273 -8.43 4.87 -11.21
N GLY A 274 -7.96 3.62 -11.14
CA GLY A 274 -8.79 2.44 -11.24
C GLY A 274 -9.85 2.44 -10.16
N ASP A 275 -9.47 2.80 -8.93
CA ASP A 275 -10.38 2.85 -7.79
C ASP A 275 -11.49 3.87 -8.04
N VAL A 276 -11.09 5.11 -8.35
CA VAL A 276 -11.99 6.23 -8.56
C VAL A 276 -12.88 6.05 -9.80
N GLN A 277 -12.27 5.79 -10.96
CA GLN A 277 -13.01 5.68 -12.21
C GLN A 277 -13.93 4.44 -12.30
N SER A 278 -13.57 3.30 -11.69
CA SER A 278 -14.42 2.11 -11.67
C SER A 278 -15.71 2.41 -10.91
N ASP A 279 -15.65 3.24 -9.86
CA ASP A 279 -16.89 3.65 -9.18
C ASP A 279 -17.74 4.64 -10.01
N SER A 280 -17.08 5.48 -10.85
CA SER A 280 -17.74 6.44 -11.73
C SER A 280 -18.46 5.68 -12.89
N VAL A 281 -17.76 4.72 -13.49
CA VAL A 281 -18.24 3.88 -14.56
C VAL A 281 -19.43 2.99 -14.08
N ALA A 282 -19.26 2.24 -12.95
CA ALA A 282 -20.33 1.39 -12.38
C ALA A 282 -21.62 2.17 -12.14
N GLN A 283 -21.49 3.37 -11.58
CA GLN A 283 -22.62 4.27 -11.34
C GLN A 283 -23.22 4.80 -12.66
N GLY A 284 -22.38 5.02 -13.67
CA GLY A 284 -22.78 5.52 -14.97
C GLY A 284 -23.64 4.53 -15.73
N TYR A 285 -23.36 3.22 -15.54
CA TYR A 285 -24.12 2.12 -16.15
C TYR A 285 -25.47 1.90 -15.45
N GLY A 286 -25.64 2.42 -14.25
CA GLY A 286 -26.92 2.32 -13.55
C GLY A 286 -26.86 2.30 -12.05
N SER A 287 -26.10 1.35 -11.52
CA SER A 287 -25.97 1.16 -10.08
C SER A 287 -24.55 0.79 -9.72
N LEU A 288 -24.05 1.39 -8.62
CA LEU A 288 -22.72 1.15 -8.07
C LEU A 288 -22.45 -0.31 -7.79
N GLY A 289 -23.39 -0.98 -7.13
CA GLY A 289 -23.29 -2.41 -6.81
C GLY A 289 -23.49 -3.39 -7.95
N MET A 290 -23.74 -2.91 -9.18
CA MET A 290 -23.92 -3.79 -10.34
C MET A 290 -22.58 -3.85 -11.07
N MET A 291 -21.58 -4.47 -10.43
CA MET A 291 -20.20 -4.53 -10.95
C MET A 291 -19.45 -5.77 -10.47
N THR A 292 -18.59 -6.33 -11.34
CA THR A 292 -17.69 -7.45 -11.04
C THR A 292 -16.29 -6.84 -10.72
N SER A 293 -15.51 -7.53 -9.90
CA SER A 293 -14.16 -7.11 -9.51
C SER A 293 -13.35 -8.36 -9.27
N VAL A 294 -12.50 -8.71 -10.25
CA VAL A 294 -11.68 -9.91 -10.19
C VAL A 294 -10.18 -9.54 -10.31
N LEU A 295 -9.40 -9.89 -9.28
CA LEU A 295 -7.95 -9.71 -9.26
C LEU A 295 -7.31 -10.87 -10.01
N VAL A 296 -6.66 -10.58 -11.12
CA VAL A 296 -5.97 -11.58 -11.92
C VAL A 296 -4.49 -11.43 -11.57
N CYS A 297 -3.92 -12.42 -10.89
CA CYS A 297 -2.53 -12.39 -10.45
C CYS A 297 -1.53 -12.62 -11.59
N PRO A 298 -0.26 -12.16 -11.43
CA PRO A 298 0.72 -12.30 -12.52
C PRO A 298 1.09 -13.71 -12.97
N ASP A 299 0.90 -14.72 -12.08
CA ASP A 299 1.19 -16.13 -12.37
C ASP A 299 0.29 -16.75 -13.47
N GLY A 300 -0.86 -16.12 -13.73
CA GLY A 300 -1.84 -16.57 -14.72
C GLY A 300 -2.64 -17.80 -14.29
N LYS A 301 -2.63 -18.11 -13.00
CA LYS A 301 -3.30 -19.26 -12.40
C LYS A 301 -4.16 -18.87 -11.19
N THR A 302 -3.80 -17.78 -10.50
CA THR A 302 -4.46 -17.34 -9.27
C THR A 302 -5.39 -16.16 -9.48
N VAL A 303 -6.59 -16.22 -8.87
CA VAL A 303 -7.56 -15.12 -8.90
C VAL A 303 -8.16 -14.88 -7.54
N GLU A 304 -8.62 -13.66 -7.30
CA GLU A 304 -9.40 -13.31 -6.12
C GLU A 304 -10.59 -12.50 -6.64
N ALA A 305 -11.81 -13.01 -6.49
CA ALA A 305 -12.99 -12.28 -6.93
C ALA A 305 -13.60 -11.67 -5.70
N GLU A 306 -14.15 -10.48 -5.79
CA GLU A 306 -14.72 -9.83 -4.61
C GLU A 306 -15.94 -9.01 -4.94
N ALA A 307 -16.64 -8.57 -3.90
CA ALA A 307 -17.77 -7.65 -3.97
C ALA A 307 -17.16 -6.31 -3.57
N ALA A 308 -16.93 -5.43 -4.57
CA ALA A 308 -16.26 -4.14 -4.47
C ALA A 308 -17.18 -2.93 -4.23
N HIS A 309 -17.96 -3.02 -3.16
CA HIS A 309 -18.86 -1.97 -2.69
C HIS A 309 -18.82 -2.02 -1.14
N GLY A 310 -19.58 -1.14 -0.49
CA GLY A 310 -19.64 -1.09 0.98
C GLY A 310 -20.32 -2.27 1.64
N THR A 311 -20.30 -2.28 2.97
CA THR A 311 -20.91 -3.36 3.78
C THR A 311 -22.42 -3.10 4.07
N VAL A 312 -22.96 -1.98 3.53
CA VAL A 312 -24.38 -1.54 3.60
C VAL A 312 -24.83 -1.43 5.08
N THR A 313 -24.20 -0.50 5.81
CA THR A 313 -24.43 -0.25 7.23
C THR A 313 -25.87 0.15 7.54
N ARG A 314 -26.44 1.09 6.73
CA ARG A 314 -27.82 1.59 6.86
C ARG A 314 -28.87 0.48 6.90
N HIS A 315 -28.68 -0.57 6.07
CA HIS A 315 -29.53 -1.76 6.07
C HIS A 315 -29.20 -2.60 7.27
N TYR A 316 -27.90 -2.80 7.58
CA TYR A 316 -27.45 -3.63 8.71
C TYR A 316 -28.10 -3.22 10.02
N ARG A 317 -28.24 -1.90 10.22
CA ARG A 317 -28.87 -1.30 11.39
C ARG A 317 -30.33 -1.74 11.48
N MET A 318 -31.05 -1.65 10.34
CA MET A 318 -32.45 -2.05 10.17
C MET A 318 -32.60 -3.54 10.46
N TYR A 319 -31.71 -4.39 9.88
CA TYR A 319 -31.69 -5.84 10.08
C TYR A 319 -31.52 -6.20 11.56
N GLN A 320 -30.63 -5.47 12.28
CA GLN A 320 -30.36 -5.69 13.71
C GLN A 320 -31.61 -5.39 14.55
N LYS A 321 -32.37 -4.34 14.16
CA LYS A 321 -33.61 -3.93 14.80
C LYS A 321 -34.83 -4.77 14.34
N GLY A 322 -34.60 -5.87 13.62
CA GLY A 322 -35.65 -6.72 13.08
C GLY A 322 -36.58 -6.01 12.10
N GLN A 323 -36.03 -5.06 11.31
CA GLN A 323 -36.79 -4.29 10.32
C GLN A 323 -36.60 -4.86 8.93
N GLU A 324 -37.47 -4.43 8.01
CA GLU A 324 -37.42 -4.89 6.63
C GLU A 324 -36.30 -4.17 5.87
N THR A 325 -35.45 -4.95 5.20
CA THR A 325 -34.35 -4.46 4.36
C THR A 325 -34.51 -5.00 2.94
N SER A 326 -33.90 -4.31 1.96
CA SER A 326 -33.92 -4.72 0.57
C SER A 326 -32.48 -4.57 0.01
N THR A 327 -31.62 -5.55 0.33
CA THR A 327 -30.20 -5.54 -0.03
C THR A 327 -29.86 -6.25 -1.33
N ASN A 328 -29.25 -5.50 -2.29
CA ASN A 328 -28.81 -6.04 -3.57
C ASN A 328 -27.63 -7.02 -3.35
N PRO A 329 -27.83 -8.32 -3.67
CA PRO A 329 -26.76 -9.30 -3.47
C PRO A 329 -25.96 -9.69 -4.74
N ILE A 330 -26.23 -9.04 -5.88
CA ILE A 330 -25.68 -9.40 -7.20
C ILE A 330 -24.15 -9.41 -7.25
N ALA A 331 -23.50 -8.31 -6.81
CA ALA A 331 -22.04 -8.21 -6.79
C ALA A 331 -21.45 -9.31 -5.91
N SER A 332 -22.08 -9.56 -4.75
CA SER A 332 -21.61 -10.66 -3.87
C SER A 332 -21.83 -12.03 -4.54
N ILE A 333 -22.96 -12.21 -5.33
CA ILE A 333 -23.19 -13.46 -6.06
C ILE A 333 -22.11 -13.65 -7.15
N PHE A 334 -21.80 -12.57 -7.89
CA PHE A 334 -20.80 -12.63 -8.97
C PHE A 334 -19.37 -12.83 -8.47
N ALA A 335 -19.08 -12.49 -7.21
CA ALA A 335 -17.77 -12.82 -6.65
C ALA A 335 -17.70 -14.37 -6.61
N TRP A 336 -18.78 -15.04 -6.13
CA TRP A 336 -18.84 -16.52 -6.11
C TRP A 336 -18.78 -17.15 -7.51
N THR A 337 -19.60 -16.66 -8.45
CA THR A 337 -19.61 -17.19 -9.82
C THR A 337 -18.30 -16.96 -10.57
N ARG A 338 -17.66 -15.78 -10.39
CA ARG A 338 -16.37 -15.55 -11.08
C ARG A 338 -15.27 -16.43 -10.48
N GLY A 339 -15.33 -16.63 -9.15
CA GLY A 339 -14.40 -17.50 -8.45
C GLY A 339 -14.56 -18.95 -8.86
N LEU A 340 -15.81 -19.44 -8.87
CA LEU A 340 -16.14 -20.83 -9.28
C LEU A 340 -15.84 -21.10 -10.74
N ALA A 341 -16.07 -20.10 -11.62
CA ALA A 341 -15.75 -20.23 -13.05
C ALA A 341 -14.24 -20.43 -13.23
N HIS A 342 -13.42 -19.69 -12.46
CA HIS A 342 -11.98 -19.83 -12.54
C HIS A 342 -11.51 -21.20 -11.99
N ARG A 343 -12.13 -21.66 -10.88
CA ARG A 343 -11.87 -22.97 -10.26
C ARG A 343 -12.17 -24.09 -11.30
N ALA A 344 -13.27 -23.94 -12.05
CA ALA A 344 -13.69 -24.87 -13.10
C ALA A 344 -12.69 -24.91 -14.24
N LYS A 345 -12.18 -23.75 -14.66
CA LYS A 345 -11.20 -23.60 -15.74
C LYS A 345 -9.87 -24.28 -15.38
N LEU A 346 -9.47 -24.20 -14.08
CA LEU A 346 -8.26 -24.82 -13.58
C LEU A 346 -8.37 -26.34 -13.50
N ASP A 347 -9.57 -26.82 -13.13
CA ASP A 347 -9.85 -28.24 -12.91
C ASP A 347 -10.49 -28.97 -14.11
N ASN A 348 -10.78 -28.24 -15.22
CA ASN A 348 -11.45 -28.76 -16.43
C ASN A 348 -12.79 -29.43 -16.05
N ASN A 349 -13.52 -28.74 -15.16
CA ASN A 349 -14.79 -29.14 -14.58
C ASN A 349 -15.93 -28.43 -15.33
N LYS A 350 -16.50 -29.16 -16.31
CA LYS A 350 -17.59 -28.69 -17.19
C LYS A 350 -18.87 -28.40 -16.43
N GLU A 351 -19.12 -29.18 -15.37
CA GLU A 351 -20.29 -29.07 -14.51
C GLU A 351 -20.23 -27.82 -13.64
N LEU A 352 -19.04 -27.52 -13.06
CA LEU A 352 -18.86 -26.32 -12.23
C LEU A 352 -18.98 -25.06 -13.08
N ALA A 353 -18.37 -25.08 -14.29
CA ALA A 353 -18.40 -24.01 -15.29
C ALA A 353 -19.82 -23.69 -15.72
N PHE A 354 -20.61 -24.77 -15.93
CA PHE A 354 -22.02 -24.64 -16.31
C PHE A 354 -22.78 -23.99 -15.18
N PHE A 355 -22.59 -24.49 -13.94
CA PHE A 355 -23.26 -23.93 -12.77
C PHE A 355 -22.97 -22.43 -12.59
N ALA A 356 -21.67 -22.03 -12.68
CA ALA A 356 -21.22 -20.64 -12.48
C ALA A 356 -21.93 -19.70 -13.45
N ASN A 357 -21.92 -20.04 -14.75
CA ASN A 357 -22.60 -19.28 -15.79
C ASN A 357 -24.11 -19.24 -15.58
N ALA A 358 -24.72 -20.39 -15.25
CA ALA A 358 -26.17 -20.49 -15.01
C ALA A 358 -26.64 -19.53 -13.91
N LEU A 359 -25.88 -19.45 -12.79
CA LEU A 359 -26.22 -18.54 -11.67
C LEU A 359 -26.14 -17.06 -12.10
N GLU A 360 -25.20 -16.72 -13.00
CA GLU A 360 -25.06 -15.36 -13.55
C GLU A 360 -26.28 -15.00 -14.41
N GLU A 361 -26.70 -15.94 -15.30
CA GLU A 361 -27.87 -15.81 -16.18
C GLU A 361 -29.13 -15.65 -15.33
N VAL A 362 -29.32 -16.52 -14.31
CA VAL A 362 -30.46 -16.50 -13.40
C VAL A 362 -30.61 -15.13 -12.74
N SER A 363 -29.50 -14.56 -12.24
CA SER A 363 -29.48 -13.25 -11.55
C SER A 363 -29.94 -12.16 -12.48
N ILE A 364 -29.37 -12.11 -13.70
CA ILE A 364 -29.73 -11.09 -14.70
C ILE A 364 -31.20 -11.26 -15.14
N GLU A 365 -31.60 -12.51 -15.48
CA GLU A 365 -32.96 -12.85 -15.93
C GLU A 365 -34.03 -12.48 -14.91
N THR A 366 -33.77 -12.68 -13.61
CA THR A 366 -34.73 -12.35 -12.54
C THR A 366 -35.03 -10.86 -12.49
N ILE A 367 -33.94 -10.02 -12.49
CA ILE A 367 -34.07 -8.55 -12.47
C ILE A 367 -34.78 -8.09 -13.75
N GLU A 368 -34.38 -8.66 -14.90
CA GLU A 368 -34.97 -8.35 -16.21
C GLU A 368 -36.46 -8.75 -16.28
N ALA A 369 -36.87 -9.76 -15.46
CA ALA A 369 -38.26 -10.20 -15.35
C ALA A 369 -39.06 -9.27 -14.43
N GLY A 370 -38.40 -8.27 -13.85
CA GLY A 370 -39.06 -7.29 -12.99
C GLY A 370 -38.99 -7.60 -11.51
N PHE A 371 -38.18 -8.59 -11.12
CA PHE A 371 -38.00 -8.98 -9.73
C PHE A 371 -36.66 -8.39 -9.22
N MET A 372 -36.74 -7.36 -8.36
CA MET A 372 -35.54 -6.67 -7.90
C MET A 372 -35.66 -6.06 -6.49
N THR A 373 -34.51 -5.60 -5.95
CA THR A 373 -34.40 -4.94 -4.65
C THR A 373 -34.73 -3.45 -4.80
N LYS A 374 -35.06 -2.75 -3.70
CA LYS A 374 -35.47 -1.33 -3.66
C LYS A 374 -34.58 -0.39 -4.50
N ASP A 375 -33.23 -0.52 -4.41
CA ASP A 375 -32.25 0.29 -5.14
C ASP A 375 -32.49 0.30 -6.65
N LEU A 376 -32.64 -0.91 -7.24
CA LEU A 376 -32.86 -1.12 -8.68
C LEU A 376 -34.22 -0.61 -9.11
N ALA A 377 -35.25 -0.76 -8.23
CA ALA A 377 -36.61 -0.26 -8.48
C ALA A 377 -36.58 1.26 -8.52
N ALA A 378 -35.73 1.89 -7.67
CA ALA A 378 -35.54 3.34 -7.64
C ALA A 378 -34.84 3.82 -8.90
N CYS A 379 -33.98 2.97 -9.50
CA CYS A 379 -33.28 3.30 -10.74
C CYS A 379 -34.22 3.46 -11.91
N ILE A 380 -35.32 2.66 -11.92
CA ILE A 380 -36.36 2.67 -12.97
C ILE A 380 -37.42 3.75 -12.73
N LYS A 381 -38.00 3.81 -11.52
CA LYS A 381 -39.13 4.69 -11.18
C LYS A 381 -38.79 6.00 -10.50
N GLY A 382 -37.61 6.09 -9.90
CA GLY A 382 -37.24 7.25 -9.10
C GLY A 382 -37.69 6.95 -7.69
N LEU A 383 -36.83 7.18 -6.69
CA LEU A 383 -37.12 6.89 -5.27
C LEU A 383 -38.49 7.42 -4.75
N PRO A 384 -38.97 8.67 -5.03
CA PRO A 384 -40.28 9.08 -4.51
C PRO A 384 -41.48 8.30 -5.08
N ASN A 385 -41.34 7.79 -6.32
CA ASN A 385 -42.38 7.04 -7.04
C ASN A 385 -42.35 5.52 -6.79
N VAL A 386 -41.47 5.05 -5.88
CA VAL A 386 -41.31 3.65 -5.52
C VAL A 386 -42.30 3.24 -4.42
N GLN A 387 -43.03 2.16 -4.66
CA GLN A 387 -44.02 1.59 -3.75
C GLN A 387 -43.55 0.19 -3.37
N ARG A 388 -44.02 -0.33 -2.22
CA ARG A 388 -43.66 -1.66 -1.70
C ARG A 388 -43.81 -2.80 -2.72
N SER A 389 -44.84 -2.71 -3.58
CA SER A 389 -45.17 -3.67 -4.64
C SER A 389 -44.11 -3.74 -5.76
N ASP A 390 -43.31 -2.66 -5.94
CA ASP A 390 -42.26 -2.56 -6.97
C ASP A 390 -40.97 -3.32 -6.68
N TYR A 391 -40.76 -3.74 -5.42
CA TYR A 391 -39.53 -4.44 -5.04
C TYR A 391 -39.76 -5.60 -4.07
N LEU A 392 -38.73 -6.42 -3.90
CA LEU A 392 -38.73 -7.54 -2.97
C LEU A 392 -37.78 -7.23 -1.83
N ASN A 393 -38.04 -7.80 -0.63
CA ASN A 393 -37.12 -7.61 0.48
C ASN A 393 -35.89 -8.51 0.29
N THR A 394 -34.88 -8.39 1.17
CA THR A 394 -33.63 -9.14 1.10
C THR A 394 -33.88 -10.65 0.93
N PHE A 395 -34.70 -11.24 1.81
CA PHE A 395 -35.03 -12.66 1.81
C PHE A 395 -35.87 -13.09 0.61
N GLU A 396 -36.92 -12.28 0.27
CA GLU A 396 -37.82 -12.49 -0.87
C GLU A 396 -37.01 -12.58 -2.14
N PHE A 397 -36.07 -11.61 -2.36
CA PHE A 397 -35.21 -11.60 -3.55
C PHE A 397 -34.34 -12.84 -3.63
N MET A 398 -33.72 -13.23 -2.49
CA MET A 398 -32.88 -14.43 -2.42
C MET A 398 -33.70 -15.69 -2.75
N ASP A 399 -34.97 -15.78 -2.26
CA ASP A 399 -35.89 -16.89 -2.52
C ASP A 399 -36.21 -16.99 -4.00
N LYS A 400 -36.48 -15.85 -4.66
CA LYS A 400 -36.77 -15.80 -6.10
C LYS A 400 -35.58 -16.32 -6.93
N LEU A 401 -34.33 -15.94 -6.54
CA LEU A 401 -33.12 -16.40 -7.23
C LEU A 401 -32.89 -17.91 -7.02
N GLY A 402 -33.18 -18.38 -5.80
CA GLY A 402 -33.07 -19.79 -5.45
C GLY A 402 -34.04 -20.64 -6.24
N GLU A 403 -35.30 -20.17 -6.36
CA GLU A 403 -36.37 -20.80 -7.15
C GLU A 403 -35.96 -20.85 -8.63
N ASN A 404 -35.53 -19.70 -9.20
CA ASN A 404 -35.10 -19.61 -10.59
C ASN A 404 -33.84 -20.41 -10.87
N LEU A 405 -32.93 -20.50 -9.88
CA LEU A 405 -31.71 -21.29 -10.03
C LEU A 405 -32.07 -22.79 -10.07
N LYS A 406 -32.94 -23.25 -9.14
CA LYS A 406 -33.43 -24.64 -9.07
C LYS A 406 -34.05 -25.05 -10.42
N ILE A 407 -34.90 -24.16 -11.00
CA ILE A 407 -35.55 -24.35 -12.30
C ILE A 407 -34.53 -24.45 -13.44
N LYS A 408 -33.59 -23.48 -13.55
CA LYS A 408 -32.58 -23.47 -14.62
C LYS A 408 -31.71 -24.71 -14.60
N LEU A 409 -31.33 -25.18 -13.39
CA LEU A 409 -30.48 -26.38 -13.25
C LEU A 409 -31.24 -27.67 -13.50
N ALA A 410 -32.54 -27.73 -13.14
CA ALA A 410 -33.39 -28.90 -13.41
C ALA A 410 -33.57 -29.08 -14.92
N GLN A 411 -33.93 -27.99 -15.65
CA GLN A 411 -34.12 -27.98 -17.11
C GLN A 411 -32.85 -28.34 -17.87
N ALA A 412 -31.68 -27.96 -17.33
CA ALA A 412 -30.37 -28.28 -17.93
C ALA A 412 -30.05 -29.78 -17.79
N LYS A 413 -30.42 -30.39 -16.65
CA LYS A 413 -30.22 -31.81 -16.35
C LYS A 413 -31.09 -32.66 -17.28
N LEU A 414 -32.37 -32.25 -17.46
CA LEU A 414 -33.36 -32.86 -18.34
C LEU A 414 -32.94 -32.79 -19.80
N SER A 415 -32.26 -31.70 -20.20
CA SER A 415 -31.75 -31.46 -21.54
C SER A 415 -30.66 -32.47 -21.97
N LEU A 416 -30.08 -33.21 -21.00
CA LEU A 416 -29.05 -34.23 -21.25
C LEU A 416 -29.66 -35.47 -21.88
N GLU A 417 -29.20 -35.76 -23.12
CA GLU A 417 -29.60 -36.85 -24.02
C GLU A 417 -29.12 -38.23 -23.57
N HIS A 418 -29.95 -39.27 -23.79
CA HIS A 418 -29.65 -40.66 -23.43
C HIS A 418 -28.69 -41.30 -24.40
N LYS B 3 -13.54 56.12 -29.95
CA LYS B 3 -12.83 55.94 -28.67
C LYS B 3 -13.29 54.65 -27.97
N LYS B 4 -12.37 53.67 -27.89
CA LYS B 4 -12.61 52.35 -27.25
C LYS B 4 -12.71 52.45 -25.73
N ILE B 5 -13.13 51.36 -25.05
CA ILE B 5 -13.22 51.29 -23.59
C ILE B 5 -11.80 51.25 -22.97
N SER B 6 -11.58 52.01 -21.87
CA SER B 6 -10.29 52.06 -21.21
C SER B 6 -10.19 50.82 -20.32
N GLY B 7 -9.54 49.78 -20.82
CA GLY B 7 -9.43 48.50 -20.15
C GLY B 7 -8.53 48.42 -18.92
N GLY B 8 -7.37 49.07 -18.97
CA GLY B 8 -6.42 49.03 -17.87
C GLY B 8 -5.34 47.97 -18.03
N SER B 9 -4.65 47.63 -16.92
CA SER B 9 -3.52 46.69 -16.91
C SER B 9 -3.94 45.23 -16.87
N VAL B 10 -3.60 44.47 -17.91
CA VAL B 10 -3.92 43.04 -18.00
C VAL B 10 -2.66 42.29 -18.45
N VAL B 11 -2.33 41.17 -17.75
CA VAL B 11 -1.20 40.32 -18.13
C VAL B 11 -1.77 39.23 -19.06
N GLU B 12 -1.25 39.13 -20.30
CA GLU B 12 -1.69 38.09 -21.20
C GLU B 12 -0.54 37.11 -21.43
N MET B 13 -0.87 35.82 -21.50
CA MET B 13 0.11 34.78 -21.73
C MET B 13 -0.27 34.04 -23.00
N GLN B 14 0.52 34.25 -24.06
CA GLN B 14 0.30 33.62 -25.36
C GLN B 14 0.72 32.19 -25.23
N GLY B 15 0.11 31.33 -26.02
CA GLY B 15 0.31 29.91 -25.90
C GLY B 15 0.64 29.17 -27.15
N ASP B 16 0.15 27.94 -27.21
CA ASP B 16 0.51 27.04 -28.30
C ASP B 16 -0.65 26.51 -29.09
N GLU B 17 -0.30 25.97 -30.25
CA GLU B 17 -1.12 25.22 -31.20
C GLU B 17 -2.50 25.83 -31.53
N MET B 18 -3.58 25.02 -31.45
CA MET B 18 -4.92 25.47 -31.82
C MET B 18 -5.36 26.69 -31.02
N THR B 19 -5.14 26.66 -29.70
CA THR B 19 -5.48 27.77 -28.83
C THR B 19 -4.71 29.06 -29.18
N ARG B 20 -3.47 28.95 -29.69
CA ARG B 20 -2.67 30.11 -30.11
C ARG B 20 -3.36 30.81 -31.26
N ILE B 21 -3.83 30.02 -32.27
CA ILE B 21 -4.55 30.51 -33.47
C ILE B 21 -5.79 31.27 -33.01
N ILE B 22 -6.66 30.58 -32.25
CA ILE B 22 -7.89 31.10 -31.68
C ILE B 22 -7.68 32.40 -30.87
N TRP B 23 -6.63 32.40 -30.02
CA TRP B 23 -6.23 33.52 -29.13
C TRP B 23 -6.06 34.82 -29.94
N GLU B 24 -5.33 34.72 -31.07
CA GLU B 24 -5.09 35.87 -31.95
C GLU B 24 -6.40 36.34 -32.61
N LEU B 25 -7.27 35.40 -33.08
CA LEU B 25 -8.57 35.70 -33.67
C LEU B 25 -9.46 36.46 -32.66
N ILE B 26 -9.47 36.04 -31.39
CA ILE B 26 -10.25 36.65 -30.30
C ILE B 26 -9.83 38.10 -30.06
N LYS B 27 -8.52 38.35 -29.91
CA LYS B 27 -7.99 39.69 -29.65
C LYS B 27 -8.34 40.63 -30.81
N GLU B 28 -8.07 40.19 -32.05
CA GLU B 28 -8.33 40.94 -33.26
C GLU B 28 -9.81 41.20 -33.56
N LYS B 29 -10.69 40.20 -33.38
CA LYS B 29 -12.10 40.35 -33.72
C LYS B 29 -13.03 40.75 -32.57
N LEU B 30 -12.70 40.39 -31.33
CA LEU B 30 -13.61 40.63 -30.22
C LEU B 30 -13.14 41.59 -29.14
N ILE B 31 -11.82 41.74 -28.95
CA ILE B 31 -11.34 42.58 -27.84
C ILE B 31 -10.82 43.93 -28.33
N PHE B 32 -9.80 43.92 -29.22
CA PHE B 32 -9.12 45.11 -29.72
C PHE B 32 -10.06 46.11 -30.41
N PRO B 33 -11.07 45.74 -31.27
CA PRO B 33 -11.96 46.76 -31.83
C PRO B 33 -12.73 47.59 -30.80
N TYR B 34 -12.93 47.07 -29.57
CA TYR B 34 -13.77 47.72 -28.55
C TYR B 34 -13.06 48.15 -27.28
N VAL B 35 -11.90 47.59 -26.97
CA VAL B 35 -11.21 47.85 -25.71
C VAL B 35 -9.75 48.20 -25.96
N GLU B 36 -9.25 49.22 -25.22
CA GLU B 36 -7.87 49.71 -25.20
C GLU B 36 -7.24 49.22 -23.90
N LEU B 37 -6.17 48.42 -24.00
CA LEU B 37 -5.55 47.87 -22.80
C LEU B 37 -4.09 48.21 -22.65
N ASP B 38 -3.62 48.31 -21.38
CA ASP B 38 -2.21 48.36 -21.04
C ASP B 38 -1.86 46.86 -20.92
N LEU B 39 -1.59 46.23 -22.05
CA LEU B 39 -1.33 44.80 -22.16
C LEU B 39 0.12 44.43 -21.90
N HIS B 40 0.34 43.58 -20.88
CA HIS B 40 1.65 43.07 -20.49
C HIS B 40 1.72 41.66 -21.06
N SER B 41 2.26 41.53 -22.29
CA SER B 41 2.34 40.29 -23.06
C SER B 41 3.60 39.48 -22.81
N TYR B 42 3.40 38.22 -22.45
CA TYR B 42 4.45 37.25 -22.21
C TYR B 42 4.16 36.10 -23.13
N ASP B 43 5.10 35.78 -24.00
CA ASP B 43 4.91 34.68 -24.93
C ASP B 43 5.33 33.38 -24.25
N LEU B 44 4.31 32.59 -23.82
CA LEU B 44 4.56 31.29 -23.22
C LEU B 44 4.49 30.16 -24.27
N GLY B 45 4.72 30.48 -25.53
CA GLY B 45 4.82 29.51 -26.62
C GLY B 45 6.06 28.67 -26.36
N ILE B 46 5.99 27.37 -26.66
CA ILE B 46 7.06 26.41 -26.36
C ILE B 46 8.47 26.89 -26.83
N GLU B 47 8.57 27.54 -28.02
CA GLU B 47 9.84 28.03 -28.58
C GLU B 47 10.40 29.18 -27.74
N ASN B 48 9.53 30.12 -27.26
CA ASN B 48 10.00 31.21 -26.42
C ASN B 48 10.40 30.76 -25.03
N ARG B 49 9.70 29.75 -24.47
CA ARG B 49 10.07 29.22 -23.15
C ARG B 49 11.45 28.54 -23.27
N ASP B 50 11.67 27.80 -24.37
CA ASP B 50 12.96 27.15 -24.65
C ASP B 50 14.06 28.20 -24.78
N ALA B 51 13.82 29.27 -25.57
CA ALA B 51 14.77 30.37 -25.81
C ALA B 51 15.16 31.13 -24.53
N THR B 52 14.22 31.25 -23.57
CA THR B 52 14.45 31.98 -22.31
C THR B 52 14.75 31.05 -21.11
N ASN B 53 14.95 29.73 -21.36
CA ASN B 53 15.19 28.73 -20.31
C ASN B 53 14.07 28.75 -19.24
N ASP B 54 12.81 28.93 -19.72
CA ASP B 54 11.55 28.99 -18.96
C ASP B 54 11.46 30.22 -18.05
N GLN B 55 12.35 31.21 -18.22
CA GLN B 55 12.31 32.43 -17.41
C GLN B 55 11.05 33.27 -17.71
N VAL B 56 10.58 33.29 -18.98
CA VAL B 56 9.39 34.03 -19.39
C VAL B 56 8.14 33.64 -18.50
N THR B 57 8.02 32.33 -18.12
CA THR B 57 6.95 31.78 -17.27
C THR B 57 6.94 32.37 -15.87
N LYS B 58 8.14 32.43 -15.24
CA LYS B 58 8.35 33.01 -13.90
C LYS B 58 8.04 34.49 -13.93
N ASP B 59 8.50 35.20 -15.02
CA ASP B 59 8.27 36.65 -15.17
C ASP B 59 6.77 36.94 -15.33
N ALA B 60 6.04 36.10 -16.12
CA ALA B 60 4.60 36.26 -16.30
C ALA B 60 3.87 36.08 -14.96
N ALA B 61 4.29 35.09 -14.16
CA ALA B 61 3.70 34.84 -12.83
C ALA B 61 3.87 36.03 -11.91
N GLU B 62 5.09 36.63 -11.90
CA GLU B 62 5.42 37.84 -11.12
C GLU B 62 4.62 39.05 -11.59
N ALA B 63 4.42 39.18 -12.91
CA ALA B 63 3.60 40.24 -13.50
C ALA B 63 2.13 40.13 -13.00
N ILE B 64 1.56 38.89 -12.91
CA ILE B 64 0.20 38.66 -12.39
C ILE B 64 0.10 39.12 -10.93
N LYS B 65 1.12 38.81 -10.11
CA LYS B 65 1.19 39.25 -8.71
C LYS B 65 1.06 40.77 -8.60
N LYS B 66 1.73 41.50 -9.50
CA LYS B 66 1.78 42.95 -9.57
C LYS B 66 0.48 43.60 -10.11
N HIS B 67 -0.04 43.10 -11.26
CA HIS B 67 -1.21 43.72 -11.91
C HIS B 67 -2.55 43.10 -11.53
N ASN B 68 -2.54 41.99 -10.76
CA ASN B 68 -3.71 41.27 -10.21
C ASN B 68 -4.59 40.50 -11.24
N VAL B 69 -4.38 40.65 -12.55
CA VAL B 69 -5.24 39.93 -13.48
C VAL B 69 -4.43 39.36 -14.64
N GLY B 70 -4.55 38.05 -14.80
CA GLY B 70 -3.91 37.27 -15.85
C GLY B 70 -4.97 36.60 -16.71
N VAL B 71 -4.68 36.51 -18.02
CA VAL B 71 -5.51 35.85 -19.02
C VAL B 71 -4.52 34.96 -19.78
N LYS B 72 -4.65 33.62 -19.60
CA LYS B 72 -3.70 32.67 -20.18
C LYS B 72 -4.28 31.76 -21.25
N CYS B 73 -3.50 31.63 -22.36
CA CYS B 73 -3.73 30.74 -23.48
C CYS B 73 -3.18 29.40 -23.09
N ALA B 74 -3.80 28.32 -23.59
CA ALA B 74 -3.34 26.96 -23.33
C ALA B 74 -1.94 26.75 -23.95
N THR B 75 -1.06 26.06 -23.19
CA THR B 75 0.35 25.81 -23.54
C THR B 75 0.70 24.33 -23.55
N ILE B 76 1.74 23.97 -24.28
CA ILE B 76 2.26 22.59 -24.31
C ILE B 76 3.11 22.36 -23.05
N THR B 77 2.87 21.22 -22.34
CA THR B 77 3.71 20.75 -21.25
C THR B 77 4.58 19.70 -21.90
N PRO B 78 5.88 19.98 -22.11
CA PRO B 78 6.67 19.02 -22.89
C PRO B 78 7.02 17.69 -22.22
N ASP B 79 6.93 16.63 -23.01
CA ASP B 79 7.33 15.26 -22.68
C ASP B 79 8.42 14.86 -23.71
N GLU B 80 8.92 13.61 -23.65
CA GLU B 80 9.95 13.07 -24.55
C GLU B 80 9.68 13.36 -26.03
N LYS B 81 8.43 13.12 -26.50
CA LYS B 81 8.01 13.35 -27.89
C LYS B 81 8.03 14.83 -28.27
N ARG B 82 7.70 15.72 -27.31
CA ARG B 82 7.73 17.18 -27.51
C ARG B 82 9.17 17.71 -27.56
N VAL B 83 10.07 17.12 -26.73
CA VAL B 83 11.50 17.47 -26.72
C VAL B 83 12.07 17.19 -28.12
N GLU B 84 11.73 16.01 -28.71
CA GLU B 84 12.13 15.59 -30.06
C GLU B 84 11.58 16.53 -31.13
N GLU B 85 10.27 16.84 -31.04
CA GLU B 85 9.52 17.69 -31.98
C GLU B 85 10.09 19.10 -32.10
N PHE B 86 10.32 19.77 -30.95
CA PHE B 86 10.78 21.15 -30.94
C PHE B 86 12.29 21.30 -30.70
N LYS B 87 13.02 20.16 -30.61
CA LYS B 87 14.47 20.09 -30.34
C LYS B 87 14.82 20.96 -29.10
N LEU B 88 14.03 20.77 -28.02
CA LEU B 88 14.15 21.51 -26.76
C LEU B 88 15.45 21.20 -26.00
N LYS B 89 15.96 22.20 -25.25
CA LYS B 89 17.19 22.05 -24.45
C LYS B 89 16.93 21.14 -23.24
N GLN B 90 15.69 21.19 -22.72
CA GLN B 90 15.23 20.44 -21.55
C GLN B 90 13.75 20.12 -21.69
N MET B 91 13.26 19.22 -20.83
CA MET B 91 11.87 18.87 -20.77
C MET B 91 11.27 19.79 -19.73
N TRP B 92 10.99 21.03 -20.13
CA TRP B 92 10.48 22.10 -19.27
C TRP B 92 9.25 21.68 -18.48
N LYS B 93 9.17 22.16 -17.24
CA LYS B 93 8.05 21.88 -16.36
C LYS B 93 6.79 22.62 -16.86
N SER B 94 5.61 22.10 -16.50
CA SER B 94 4.32 22.70 -16.86
C SER B 94 4.28 24.19 -16.48
N PRO B 95 3.98 25.08 -17.46
CA PRO B 95 3.88 26.51 -17.13
C PRO B 95 2.76 26.80 -16.13
N ASN B 96 1.66 26.02 -16.18
CA ASN B 96 0.52 26.16 -15.29
C ASN B 96 0.91 25.80 -13.87
N GLY B 97 1.71 24.76 -13.73
CA GLY B 97 2.25 24.31 -12.45
C GLY B 97 3.16 25.35 -11.83
N THR B 98 4.03 25.97 -12.66
CA THR B 98 4.95 27.04 -12.24
C THR B 98 4.15 28.22 -11.71
N ILE B 99 3.18 28.72 -12.51
CA ILE B 99 2.32 29.86 -12.21
C ILE B 99 1.50 29.60 -10.94
N ARG B 100 0.84 28.44 -10.86
CA ARG B 100 0.01 28.07 -9.70
C ARG B 100 0.86 27.90 -8.43
N ASN B 101 2.07 27.36 -8.56
CA ASN B 101 3.00 27.23 -7.43
C ASN B 101 3.36 28.60 -6.88
N ILE B 102 3.64 29.58 -7.77
CA ILE B 102 4.00 30.95 -7.38
C ILE B 102 2.81 31.71 -6.78
N LEU B 103 1.64 31.61 -7.43
CA LEU B 103 0.46 32.38 -6.99
C LEU B 103 -0.33 31.76 -5.84
N GLY B 104 -0.49 30.43 -5.88
CA GLY B 104 -1.31 29.70 -4.91
C GLY B 104 -2.79 29.95 -5.15
N GLY B 105 -3.63 29.34 -4.33
CA GLY B 105 -5.07 29.54 -4.42
C GLY B 105 -5.86 28.34 -4.86
N THR B 106 -7.10 28.63 -5.34
CA THR B 106 -8.06 27.63 -5.80
C THR B 106 -8.49 27.89 -7.24
N VAL B 107 -8.49 26.84 -8.06
CA VAL B 107 -8.93 26.93 -9.44
C VAL B 107 -10.41 26.51 -9.42
N PHE B 108 -11.33 27.49 -9.61
CA PHE B 108 -12.78 27.24 -9.67
C PHE B 108 -13.19 27.02 -11.11
N ARG B 109 -13.75 25.81 -11.38
CA ARG B 109 -14.15 25.33 -12.69
C ARG B 109 -15.64 25.01 -12.77
N GLU B 110 -16.31 25.50 -13.84
CA GLU B 110 -17.76 25.38 -14.02
C GLU B 110 -18.11 25.37 -15.51
N ALA B 111 -19.11 24.55 -15.89
CA ALA B 111 -19.59 24.46 -17.27
C ALA B 111 -20.26 25.77 -17.73
N ILE B 112 -20.15 26.09 -19.03
CA ILE B 112 -20.82 27.25 -19.63
C ILE B 112 -22.09 26.63 -20.23
N ILE B 113 -23.28 27.02 -19.70
CA ILE B 113 -24.58 26.42 -20.08
C ILE B 113 -25.42 27.20 -21.13
N CYS B 114 -25.86 26.45 -22.15
CA CYS B 114 -26.73 26.87 -23.24
C CYS B 114 -27.98 25.99 -23.19
N LYS B 115 -29.15 26.64 -23.11
CA LYS B 115 -30.49 26.04 -23.04
C LYS B 115 -30.78 24.91 -24.03
N ASN B 116 -30.13 24.92 -25.21
CA ASN B 116 -30.30 23.97 -26.30
C ASN B 116 -29.28 22.84 -26.34
N ILE B 117 -28.30 22.86 -25.42
CA ILE B 117 -27.27 21.81 -25.39
C ILE B 117 -27.68 20.69 -24.41
N PRO B 118 -27.78 19.45 -24.93
CA PRO B 118 -28.11 18.30 -24.06
C PRO B 118 -26.86 17.73 -23.42
N ARG B 119 -27.04 17.34 -22.18
CA ARG B 119 -26.02 16.75 -21.31
C ARG B 119 -25.85 15.28 -21.59
N LEU B 120 -24.72 14.71 -21.18
CA LEU B 120 -24.49 13.26 -21.27
C LEU B 120 -25.01 12.59 -19.98
N VAL B 121 -25.18 13.38 -18.92
CA VAL B 121 -25.65 12.97 -17.61
C VAL B 121 -27.01 13.64 -17.42
N SER B 122 -28.05 12.81 -17.52
CA SER B 122 -29.47 13.16 -17.45
C SER B 122 -29.90 14.05 -16.28
N GLY B 123 -29.49 13.70 -15.07
CA GLY B 123 -29.90 14.40 -13.87
C GLY B 123 -29.31 15.75 -13.53
N TRP B 124 -28.22 16.17 -14.18
CA TRP B 124 -27.53 17.44 -13.84
C TRP B 124 -28.29 18.72 -14.26
N VAL B 125 -29.37 19.05 -13.54
CA VAL B 125 -30.22 20.20 -13.81
C VAL B 125 -29.69 21.49 -13.18
N LYS B 126 -28.83 21.35 -12.15
CA LYS B 126 -28.20 22.47 -11.48
C LYS B 126 -26.68 22.39 -11.69
N PRO B 127 -25.92 23.52 -11.65
CA PRO B 127 -24.46 23.45 -11.92
C PRO B 127 -23.61 22.82 -10.82
N ILE B 128 -22.47 22.22 -11.22
CA ILE B 128 -21.48 21.64 -10.31
C ILE B 128 -20.24 22.57 -10.35
N ILE B 129 -19.92 23.23 -9.24
CA ILE B 129 -18.72 24.07 -9.25
C ILE B 129 -17.58 23.32 -8.57
N ILE B 130 -16.53 23.02 -9.34
CA ILE B 130 -15.36 22.37 -8.79
C ILE B 130 -14.37 23.44 -8.27
N GLY B 131 -13.98 23.29 -7.02
CA GLY B 131 -12.99 24.09 -6.33
C GLY B 131 -11.71 23.28 -6.20
N ARG B 132 -10.83 23.33 -7.24
CA ARG B 132 -9.56 22.57 -7.26
C ARG B 132 -8.42 23.29 -6.50
N HIS B 133 -7.83 22.65 -5.46
CA HIS B 133 -6.70 23.18 -4.70
C HIS B 133 -5.54 23.31 -5.71
N ALA B 134 -4.99 24.52 -5.89
CA ALA B 134 -4.00 24.76 -6.97
C ALA B 134 -2.54 24.52 -6.63
N TYR B 135 -2.24 24.21 -5.36
CA TYR B 135 -0.89 24.02 -4.83
C TYR B 135 -0.54 22.58 -4.41
N GLY B 136 0.71 22.22 -4.67
CA GLY B 136 1.33 20.97 -4.21
C GLY B 136 0.85 19.66 -4.77
N ASP B 137 1.03 18.59 -3.96
CA ASP B 137 0.75 17.18 -4.28
C ASP B 137 1.55 16.78 -5.55
N GLN B 138 0.94 16.06 -6.51
CA GLN B 138 1.59 15.59 -7.73
C GLN B 138 2.18 16.68 -8.63
N TYR B 139 1.71 17.94 -8.51
CA TYR B 139 2.10 19.07 -9.34
C TYR B 139 3.31 19.84 -8.81
N ARG B 140 3.88 19.40 -7.68
CA ARG B 140 5.12 19.95 -7.12
C ARG B 140 5.90 18.82 -6.46
N ALA B 141 5.78 17.63 -7.04
CA ALA B 141 6.39 16.40 -6.54
C ALA B 141 7.82 16.15 -7.00
N THR B 142 8.49 15.18 -6.36
CA THR B 142 9.82 14.76 -6.75
C THR B 142 9.73 13.30 -7.09
N ASP B 143 9.84 12.96 -8.35
CA ASP B 143 9.73 11.57 -8.78
C ASP B 143 10.99 11.19 -9.54
N PHE B 144 11.35 9.91 -9.47
CA PHE B 144 12.57 9.40 -10.11
C PHE B 144 12.44 7.91 -10.38
N VAL B 145 13.30 7.41 -11.26
CA VAL B 145 13.40 5.99 -11.59
C VAL B 145 14.34 5.35 -10.56
N VAL B 146 13.96 4.17 -10.03
CA VAL B 146 14.81 3.41 -9.12
C VAL B 146 15.55 2.39 -10.05
N PRO B 147 16.89 2.53 -10.26
CA PRO B 147 17.55 1.68 -11.27
C PRO B 147 17.72 0.20 -10.94
N GLY B 148 17.75 -0.14 -9.65
CA GLY B 148 17.90 -1.51 -9.21
C GLY B 148 17.67 -1.68 -7.73
N PRO B 149 18.00 -2.88 -7.18
CA PRO B 149 17.82 -3.11 -5.74
C PRO B 149 18.46 -2.04 -4.86
N GLY B 150 17.79 -1.77 -3.75
CA GLY B 150 18.21 -0.78 -2.78
C GLY B 150 17.03 -0.18 -2.08
N LYS B 151 17.31 0.58 -1.01
CA LYS B 151 16.32 1.23 -0.15
C LYS B 151 15.95 2.64 -0.56
N VAL B 152 14.64 2.93 -0.54
CA VAL B 152 14.07 4.27 -0.73
C VAL B 152 13.52 4.66 0.65
N GLU B 153 14.00 5.78 1.17
CA GLU B 153 13.57 6.23 2.49
C GLU B 153 13.09 7.65 2.40
N ILE B 154 12.20 8.04 3.30
CA ILE B 154 11.72 9.41 3.36
C ILE B 154 12.05 9.95 4.76
N THR B 155 12.69 11.13 4.83
CA THR B 155 13.15 11.71 6.10
C THR B 155 12.63 13.11 6.38
N TYR B 156 12.33 13.41 7.65
CA TYR B 156 11.97 14.75 8.06
C TYR B 156 13.04 15.20 9.09
N THR B 157 13.65 16.36 8.87
CA THR B 157 14.65 16.95 9.78
C THR B 157 14.08 18.32 10.26
N PRO B 158 13.54 18.48 11.50
CA PRO B 158 13.07 19.81 11.93
C PRO B 158 14.22 20.82 12.01
N SER B 159 13.94 22.07 11.67
CA SER B 159 14.94 23.15 11.73
C SER B 159 15.13 23.53 13.22
N ASP B 160 13.99 23.56 13.98
CA ASP B 160 13.87 23.87 15.41
C ASP B 160 13.32 22.65 16.18
N GLY B 161 14.11 21.58 16.18
CA GLY B 161 13.82 20.31 16.85
C GLY B 161 15.06 19.44 16.98
N THR B 162 14.85 18.14 17.20
CA THR B 162 15.92 17.12 17.32
C THR B 162 15.71 16.01 16.30
N GLN B 163 14.43 15.65 16.18
CA GLN B 163 13.77 14.54 15.52
C GLN B 163 14.13 14.30 14.05
N LYS B 164 15.38 13.83 13.73
CA LYS B 164 15.48 13.39 12.34
C LYS B 164 14.69 12.06 12.33
N VAL B 165 13.56 12.03 11.60
CA VAL B 165 12.70 10.85 11.51
C VAL B 165 12.91 10.25 10.14
N THR B 166 13.22 8.95 10.07
CA THR B 166 13.45 8.25 8.81
C THR B 166 12.44 7.12 8.66
N TYR B 167 11.68 7.15 7.55
CA TYR B 167 10.69 6.11 7.26
C TYR B 167 11.14 5.34 6.04
N LEU B 168 11.03 4.00 6.08
CA LEU B 168 11.34 3.21 4.89
C LEU B 168 10.13 3.25 3.96
N VAL B 169 10.33 3.66 2.71
CA VAL B 169 9.28 3.71 1.69
C VAL B 169 9.21 2.30 1.11
N HIS B 170 10.38 1.79 0.64
CA HIS B 170 10.46 0.48 0.05
C HIS B 170 11.89 0.00 -0.06
N ASN B 171 12.08 -1.28 0.19
CA ASN B 171 13.35 -1.89 -0.04
C ASN B 171 13.17 -2.75 -1.30
N PHE B 172 13.70 -2.28 -2.44
CA PHE B 172 13.67 -2.98 -3.72
C PHE B 172 14.66 -4.15 -3.63
N GLU B 173 14.15 -5.37 -3.73
CA GLU B 173 15.01 -6.56 -3.58
C GLU B 173 15.37 -7.20 -4.92
N GLU B 174 14.46 -7.12 -5.89
CA GLU B 174 14.70 -7.66 -7.22
C GLU B 174 14.26 -6.59 -8.22
N GLY B 175 15.22 -6.12 -9.01
CA GLY B 175 15.00 -5.08 -10.00
C GLY B 175 14.74 -3.72 -9.39
N GLY B 176 14.34 -2.79 -10.24
CA GLY B 176 14.02 -1.43 -9.81
C GLY B 176 12.57 -1.09 -10.04
N GLY B 177 12.33 0.18 -10.30
CA GLY B 177 11.01 0.71 -10.51
C GLY B 177 11.02 2.21 -10.44
N VAL B 178 10.12 2.75 -9.62
CA VAL B 178 9.91 4.20 -9.48
C VAL B 178 9.56 4.57 -8.07
N ALA B 179 9.82 5.81 -7.70
CA ALA B 179 9.47 6.30 -6.37
C ALA B 179 9.23 7.78 -6.48
N MET B 180 8.46 8.33 -5.54
CA MET B 180 8.18 9.75 -5.52
C MET B 180 7.84 10.27 -4.15
N GLY B 181 8.21 11.51 -3.90
CA GLY B 181 7.88 12.20 -2.67
C GLY B 181 7.04 13.39 -3.05
N MET B 182 6.02 13.68 -2.27
CA MET B 182 5.17 14.84 -2.52
C MET B 182 4.75 15.41 -1.20
N TYR B 183 4.19 16.62 -1.19
CA TYR B 183 3.85 17.26 0.05
C TYR B 183 2.75 18.25 -0.17
N ASN B 184 2.24 18.78 0.96
CA ASN B 184 1.34 19.92 1.00
C ASN B 184 1.62 20.73 2.26
N GLN B 185 1.17 21.99 2.28
CA GLN B 185 1.43 22.96 3.33
C GLN B 185 0.15 23.37 4.03
N ASP B 186 0.16 23.40 5.37
CA ASP B 186 -0.99 23.76 6.21
C ASP B 186 -1.66 25.07 5.80
N LYS B 187 -0.87 26.14 5.60
CA LYS B 187 -1.39 27.47 5.21
C LYS B 187 -2.15 27.43 3.87
N SER B 188 -1.61 26.69 2.89
CA SER B 188 -2.24 26.53 1.58
C SER B 188 -3.56 25.76 1.74
N ILE B 189 -3.57 24.70 2.58
CA ILE B 189 -4.79 23.92 2.85
C ILE B 189 -5.86 24.81 3.51
N GLU B 190 -5.43 25.68 4.45
CA GLU B 190 -6.33 26.60 5.15
C GLU B 190 -7.00 27.58 4.20
N ASP B 191 -6.22 28.15 3.24
CA ASP B 191 -6.73 29.08 2.23
C ASP B 191 -7.73 28.37 1.29
N PHE B 192 -7.46 27.09 0.95
CA PHE B 192 -8.30 26.24 0.11
C PHE B 192 -9.66 26.00 0.83
N ALA B 193 -9.62 25.70 2.13
CA ALA B 193 -10.81 25.52 2.97
C ALA B 193 -11.64 26.83 3.00
N HIS B 194 -11.02 27.98 3.31
CA HIS B 194 -11.68 29.29 3.32
C HIS B 194 -12.33 29.62 1.97
N SER B 195 -11.60 29.46 0.85
CA SER B 195 -12.09 29.71 -0.50
C SER B 195 -13.32 28.85 -0.83
N SER B 196 -13.35 27.59 -0.35
CA SER B 196 -14.41 26.61 -0.57
C SER B 196 -15.67 26.96 0.21
N PHE B 197 -15.51 27.26 1.51
CA PHE B 197 -16.64 27.65 2.37
C PHE B 197 -17.28 28.94 1.87
N GLN B 198 -16.45 29.93 1.47
CA GLN B 198 -16.89 31.21 0.94
C GLN B 198 -17.62 31.10 -0.40
N MET B 199 -17.15 30.20 -1.30
CA MET B 199 -17.76 29.98 -2.60
C MET B 199 -19.17 29.38 -2.43
N ALA B 200 -19.30 28.42 -1.49
CA ALA B 200 -20.54 27.73 -1.17
C ALA B 200 -21.56 28.72 -0.61
N LEU B 201 -21.11 29.65 0.26
CA LEU B 201 -21.94 30.69 0.87
C LEU B 201 -22.36 31.76 -0.14
N SER B 202 -21.50 32.08 -1.13
CA SER B 202 -21.83 33.06 -2.15
C SER B 202 -22.84 32.51 -3.15
N LYS B 203 -22.80 31.19 -3.42
CA LYS B 203 -23.72 30.52 -4.36
C LYS B 203 -24.98 29.98 -3.67
N GLY B 204 -24.90 29.78 -2.35
CA GLY B 204 -25.99 29.23 -1.54
C GLY B 204 -26.21 27.76 -1.80
N TRP B 205 -25.09 26.99 -1.98
CA TRP B 205 -25.14 25.54 -2.23
C TRP B 205 -24.35 24.77 -1.19
N PRO B 206 -24.66 23.46 -0.96
CA PRO B 206 -23.81 22.69 -0.04
C PRO B 206 -22.39 22.47 -0.59
N LEU B 207 -21.45 22.15 0.30
CA LEU B 207 -20.06 21.91 -0.03
C LEU B 207 -19.62 20.50 0.33
N TYR B 208 -18.95 19.83 -0.60
CA TYR B 208 -18.39 18.49 -0.41
C TYR B 208 -16.90 18.51 -0.67
N LEU B 209 -16.12 17.93 0.26
CA LEU B 209 -14.66 17.78 0.10
C LEU B 209 -14.42 16.29 -0.11
N SER B 210 -13.68 15.93 -1.16
CA SER B 210 -13.33 14.54 -1.40
C SER B 210 -11.87 14.29 -1.06
N THR B 211 -11.58 13.15 -0.38
CA THR B 211 -10.21 12.70 -0.05
C THR B 211 -10.21 11.17 -0.08
N LYS B 212 -9.04 10.56 0.19
CA LYS B 212 -8.89 9.12 0.36
C LYS B 212 -8.24 8.90 1.75
N ASN B 213 -8.83 9.53 2.79
CA ASN B 213 -8.29 9.51 4.17
C ASN B 213 -8.32 8.13 4.84
N THR B 214 -9.06 7.15 4.30
CA THR B 214 -9.07 5.80 4.84
C THR B 214 -7.77 5.10 4.48
N ILE B 215 -7.14 5.55 3.37
CA ILE B 215 -5.87 5.02 2.85
C ILE B 215 -4.70 5.91 3.25
N LEU B 216 -4.77 7.22 2.94
CA LEU B 216 -3.72 8.19 3.30
C LEU B 216 -4.21 8.88 4.57
N LYS B 217 -4.13 8.15 5.69
CA LYS B 217 -4.66 8.56 6.99
C LYS B 217 -4.08 9.87 7.50
N LYS B 218 -2.78 10.08 7.32
CA LYS B 218 -2.10 11.29 7.76
C LYS B 218 -2.19 12.42 6.76
N TYR B 219 -1.86 12.13 5.50
CA TYR B 219 -1.85 13.14 4.42
C TYR B 219 -3.26 13.71 4.13
N ASP B 220 -4.23 12.84 3.79
CA ASP B 220 -5.60 13.27 3.50
C ASP B 220 -6.39 13.59 4.75
N GLY B 221 -6.03 12.92 5.85
CA GLY B 221 -6.64 13.17 7.15
C GLY B 221 -6.45 14.62 7.55
N ARG B 222 -5.29 15.21 7.16
CA ARG B 222 -4.98 16.60 7.43
C ARG B 222 -5.92 17.54 6.67
N PHE B 223 -6.19 17.28 5.39
CA PHE B 223 -7.14 18.08 4.59
C PHE B 223 -8.53 18.02 5.28
N LYS B 224 -8.97 16.80 5.64
CA LYS B 224 -10.24 16.53 6.34
C LYS B 224 -10.33 17.30 7.68
N ASP B 225 -9.28 17.20 8.52
CA ASP B 225 -9.23 17.88 9.81
C ASP B 225 -9.22 19.40 9.68
N ILE B 226 -8.47 19.97 8.71
CA ILE B 226 -8.42 21.42 8.51
C ILE B 226 -9.79 21.97 8.04
N PHE B 227 -10.45 21.27 7.09
CA PHE B 227 -11.76 21.68 6.61
C PHE B 227 -12.81 21.63 7.74
N GLN B 228 -12.84 20.52 8.51
CA GLN B 228 -13.78 20.34 9.61
C GLN B 228 -13.62 21.38 10.72
N GLU B 229 -12.37 21.67 11.10
CA GLU B 229 -11.99 22.64 12.13
C GLU B 229 -12.45 24.06 11.75
N ILE B 230 -12.13 24.50 10.50
CA ILE B 230 -12.48 25.82 9.98
C ILE B 230 -14.02 25.98 9.86
N TYR B 231 -14.73 24.90 9.48
CA TYR B 231 -16.19 24.89 9.37
C TYR B 231 -16.84 25.14 10.75
N ASP B 232 -16.52 24.29 11.75
CA ASP B 232 -17.04 24.36 13.12
C ASP B 232 -16.82 25.73 13.78
N LYS B 233 -15.62 26.29 13.63
CA LYS B 233 -15.25 27.56 14.25
C LYS B 233 -15.67 28.83 13.50
N GLN B 234 -15.68 28.81 12.16
CA GLN B 234 -15.93 30.03 11.39
C GLN B 234 -17.12 30.04 10.40
N TYR B 235 -17.68 28.87 10.01
CA TYR B 235 -18.70 28.90 8.95
C TYR B 235 -20.00 28.17 9.23
N LYS B 236 -20.05 27.22 10.18
CA LYS B 236 -21.23 26.39 10.46
C LYS B 236 -22.56 27.16 10.59
N SER B 237 -22.60 28.24 11.41
CA SER B 237 -23.81 29.04 11.62
C SER B 237 -24.28 29.70 10.32
N GLN B 238 -23.33 30.15 9.49
CA GLN B 238 -23.58 30.77 8.19
C GLN B 238 -24.23 29.76 7.21
N PHE B 239 -23.74 28.50 7.22
CA PHE B 239 -24.28 27.41 6.38
C PHE B 239 -25.71 27.05 6.85
N GLU B 240 -25.91 26.97 8.18
CA GLU B 240 -27.20 26.67 8.81
C GLU B 240 -28.25 27.75 8.47
N ALA B 241 -27.82 29.03 8.43
CA ALA B 241 -28.65 30.19 8.09
C ALA B 241 -29.14 30.14 6.63
N GLN B 242 -28.32 29.61 5.70
CA GLN B 242 -28.69 29.48 4.30
C GLN B 242 -29.26 28.11 3.97
N LYS B 243 -29.43 27.26 5.01
CA LYS B 243 -29.96 25.88 4.93
C LYS B 243 -29.11 24.97 4.02
N ILE B 244 -27.78 25.20 4.05
CA ILE B 244 -26.80 24.41 3.30
C ILE B 244 -25.90 23.65 4.28
N TRP B 245 -25.01 22.79 3.78
CA TRP B 245 -24.17 21.99 4.66
C TRP B 245 -22.79 21.74 4.07
N TYR B 246 -21.87 21.26 4.91
CA TYR B 246 -20.55 20.84 4.47
C TYR B 246 -20.35 19.40 4.93
N GLU B 247 -19.91 18.54 4.02
CA GLU B 247 -19.58 17.16 4.35
C GLU B 247 -18.35 16.62 3.59
N HIS B 248 -17.57 15.78 4.27
CA HIS B 248 -16.43 15.07 3.70
C HIS B 248 -16.97 13.78 3.10
N ARG B 249 -16.40 13.36 1.97
CA ARG B 249 -16.76 12.13 1.28
C ARG B 249 -15.49 11.46 0.79
N LEU B 250 -15.48 10.12 0.67
CA LEU B 250 -14.33 9.43 0.03
C LEU B 250 -14.47 9.71 -1.47
N ILE B 251 -13.34 9.95 -2.16
CA ILE B 251 -13.31 10.31 -3.59
C ILE B 251 -14.11 9.32 -4.48
N ASP B 252 -13.95 8.01 -4.31
CA ASP B 252 -14.67 7.03 -5.14
C ASP B 252 -16.17 7.05 -4.87
N ASP B 253 -16.59 7.27 -3.60
CA ASP B 253 -18.00 7.47 -3.25
C ASP B 253 -18.50 8.76 -3.90
N MET B 254 -17.71 9.86 -3.79
CA MET B 254 -18.02 11.20 -4.28
C MET B 254 -18.31 11.26 -5.78
N VAL B 255 -17.48 10.60 -6.60
CA VAL B 255 -17.66 10.61 -8.05
C VAL B 255 -18.97 9.88 -8.43
N ALA B 256 -19.33 8.81 -7.67
CA ALA B 256 -20.56 8.05 -7.86
C ALA B 256 -21.75 8.91 -7.40
N GLN B 257 -21.64 9.60 -6.25
CA GLN B 257 -22.66 10.51 -5.73
C GLN B 257 -22.93 11.63 -6.76
N ALA B 258 -21.85 12.27 -7.29
CA ALA B 258 -21.94 13.37 -8.26
C ALA B 258 -22.68 12.90 -9.52
N MET B 259 -22.31 11.72 -10.03
CA MET B 259 -22.89 11.07 -11.19
C MET B 259 -24.42 10.91 -11.05
N LYS B 260 -24.93 10.48 -9.88
CA LYS B 260 -26.37 10.27 -9.69
C LYS B 260 -27.09 11.46 -9.06
N SER B 261 -26.40 12.59 -8.85
CA SER B 261 -27.04 13.78 -8.24
C SER B 261 -27.75 14.62 -9.29
N GLU B 262 -28.28 15.75 -8.86
CA GLU B 262 -28.94 16.71 -9.76
C GLU B 262 -28.11 17.99 -9.89
N GLY B 263 -26.87 17.95 -9.38
CA GLY B 263 -25.96 19.08 -9.37
C GLY B 263 -26.30 19.99 -8.22
N GLY B 264 -25.86 21.25 -8.30
CA GLY B 264 -26.15 22.24 -7.28
C GLY B 264 -25.31 22.08 -6.04
N PHE B 265 -24.00 21.97 -6.21
CA PHE B 265 -23.08 21.87 -5.08
C PHE B 265 -21.70 22.34 -5.46
N ILE B 266 -20.90 22.65 -4.44
CA ILE B 266 -19.50 23.02 -4.59
C ILE B 266 -18.72 21.75 -4.23
N TRP B 267 -17.78 21.37 -5.09
CA TRP B 267 -16.95 20.20 -4.89
C TRP B 267 -15.46 20.62 -4.70
N ALA B 268 -15.00 20.65 -3.43
CA ALA B 268 -13.62 20.96 -3.06
C ALA B 268 -12.80 19.71 -3.38
N CYS B 269 -11.91 19.84 -4.37
CA CYS B 269 -11.06 18.78 -4.87
C CYS B 269 -9.61 19.05 -4.56
N LYS B 270 -8.85 17.98 -4.24
CA LYS B 270 -7.40 18.09 -4.05
C LYS B 270 -6.90 18.30 -5.51
N ASN B 271 -5.71 18.87 -5.65
CA ASN B 271 -5.11 19.21 -6.94
C ASN B 271 -5.37 18.19 -8.05
N TYR B 272 -4.92 16.94 -7.88
CA TYR B 272 -5.06 15.89 -8.88
C TYR B 272 -6.51 15.56 -9.23
N ASP B 273 -7.39 15.44 -8.22
CA ASP B 273 -8.80 15.14 -8.43
C ASP B 273 -9.49 16.27 -9.16
N GLY B 274 -9.15 17.51 -8.82
CA GLY B 274 -9.70 18.70 -9.45
C GLY B 274 -9.38 18.75 -10.95
N ASP B 275 -8.20 18.28 -11.32
CA ASP B 275 -7.76 18.18 -12.70
C ASP B 275 -8.65 17.17 -13.45
N VAL B 276 -8.60 15.91 -12.99
CA VAL B 276 -9.31 14.78 -13.58
C VAL B 276 -10.85 14.99 -13.62
N GLN B 277 -11.45 15.30 -12.47
CA GLN B 277 -12.90 15.45 -12.36
C GLN B 277 -13.44 16.68 -13.09
N SER B 278 -12.60 17.76 -13.22
CA SER B 278 -13.03 18.97 -13.96
C SER B 278 -13.27 18.61 -15.43
N ASP B 279 -12.45 17.72 -16.01
CA ASP B 279 -12.65 17.25 -17.38
C ASP B 279 -13.86 16.33 -17.53
N SER B 280 -14.16 15.52 -16.49
CA SER B 280 -15.35 14.66 -16.44
C SER B 280 -16.65 15.51 -16.37
N VAL B 281 -16.68 16.53 -15.48
CA VAL B 281 -17.84 17.41 -15.27
C VAL B 281 -18.15 18.25 -16.54
N ALA B 282 -17.11 18.86 -17.18
CA ALA B 282 -17.27 19.65 -18.40
C ALA B 282 -17.87 18.79 -19.53
N GLN B 283 -17.33 17.57 -19.70
CA GLN B 283 -17.80 16.63 -20.70
C GLN B 283 -19.24 16.13 -20.42
N GLY B 284 -19.52 15.81 -19.15
CA GLY B 284 -20.83 15.40 -18.70
C GLY B 284 -21.91 16.42 -19.02
N TYR B 285 -21.58 17.72 -18.92
CA TYR B 285 -22.49 18.82 -19.26
C TYR B 285 -22.60 19.08 -20.78
N GLY B 286 -21.62 18.60 -21.54
CA GLY B 286 -21.62 18.74 -22.99
C GLY B 286 -20.27 18.77 -23.65
N SER B 287 -19.42 19.77 -23.32
CA SER B 287 -18.10 19.93 -23.94
C SER B 287 -17.00 20.48 -23.02
N LEU B 288 -15.72 20.11 -23.31
CA LEU B 288 -14.52 20.64 -22.63
C LEU B 288 -14.33 22.13 -23.05
N GLY B 289 -14.81 22.48 -24.25
CA GLY B 289 -14.79 23.84 -24.74
C GLY B 289 -15.81 24.72 -24.04
N MET B 290 -16.68 24.09 -23.24
CA MET B 290 -17.72 24.81 -22.50
C MET B 290 -17.47 24.78 -21.01
N MET B 291 -16.28 25.26 -20.57
CA MET B 291 -15.92 25.33 -19.15
C MET B 291 -15.01 26.53 -18.78
N THR B 292 -15.44 27.34 -17.77
CA THR B 292 -14.67 28.45 -17.23
C THR B 292 -13.62 27.91 -16.25
N SER B 293 -12.46 28.58 -16.13
CA SER B 293 -11.40 28.17 -15.23
C SER B 293 -10.68 29.39 -14.69
N VAL B 294 -10.92 29.70 -13.42
CA VAL B 294 -10.31 30.86 -12.83
C VAL B 294 -9.55 30.51 -11.53
N LEU B 295 -8.25 30.86 -11.49
CA LEU B 295 -7.44 30.73 -10.30
C LEU B 295 -7.72 31.95 -9.43
N VAL B 296 -8.29 31.71 -8.24
CA VAL B 296 -8.60 32.76 -7.28
C VAL B 296 -7.50 32.64 -6.21
N CYS B 297 -6.61 33.64 -6.16
CA CYS B 297 -5.49 33.64 -5.23
C CYS B 297 -5.90 33.94 -3.76
N PRO B 298 -5.10 33.53 -2.74
CA PRO B 298 -5.51 33.72 -1.34
C PRO B 298 -5.62 35.19 -0.88
N ASP B 299 -5.02 36.16 -1.61
CA ASP B 299 -5.09 37.60 -1.31
C ASP B 299 -6.48 38.22 -1.53
N GLY B 300 -7.32 37.56 -2.32
CA GLY B 300 -8.67 38.02 -2.66
C GLY B 300 -8.71 39.20 -3.64
N LYS B 301 -7.60 39.46 -4.36
CA LYS B 301 -7.45 40.58 -5.30
C LYS B 301 -6.89 40.11 -6.64
N THR B 302 -6.14 39.00 -6.64
CA THR B 302 -5.46 38.46 -7.82
C THR B 302 -6.17 37.25 -8.40
N VAL B 303 -6.34 37.25 -9.74
CA VAL B 303 -6.92 36.13 -10.48
C VAL B 303 -6.12 35.84 -11.73
N GLU B 304 -6.14 34.57 -12.15
CA GLU B 304 -5.57 34.17 -13.42
C GLU B 304 -6.67 33.32 -14.11
N ALA B 305 -7.26 33.87 -15.17
CA ALA B 305 -8.31 33.23 -15.94
C ALA B 305 -7.73 32.49 -17.13
N GLU B 306 -8.31 31.33 -17.42
CA GLU B 306 -7.86 30.46 -18.52
C GLU B 306 -8.99 29.55 -18.97
N ALA B 307 -8.71 28.75 -19.98
CA ALA B 307 -9.64 27.72 -20.46
C ALA B 307 -9.20 26.47 -19.70
N ALA B 308 -10.16 25.69 -19.15
CA ALA B 308 -9.80 24.48 -18.40
C ALA B 308 -9.15 23.39 -19.28
N HIS B 309 -9.49 23.39 -20.60
CA HIS B 309 -8.93 22.46 -21.61
C HIS B 309 -7.53 22.91 -22.01
N GLY B 310 -6.89 22.15 -22.92
CA GLY B 310 -5.55 22.41 -23.40
C GLY B 310 -5.43 22.96 -24.80
N THR B 311 -4.27 22.76 -25.46
CA THR B 311 -3.98 23.32 -26.79
C THR B 311 -4.77 22.72 -27.90
N VAL B 312 -5.59 21.69 -27.58
CA VAL B 312 -6.42 20.96 -28.56
C VAL B 312 -5.49 20.57 -29.77
N THR B 313 -4.40 19.82 -29.45
CA THR B 313 -3.36 19.32 -30.35
C THR B 313 -3.91 18.55 -31.56
N ARG B 314 -4.90 17.65 -31.31
CA ARG B 314 -5.57 16.79 -32.29
C ARG B 314 -6.16 17.64 -33.44
N HIS B 315 -6.86 18.76 -33.07
CA HIS B 315 -7.47 19.75 -33.95
C HIS B 315 -6.38 20.55 -34.67
N TYR B 316 -5.30 20.94 -33.94
CA TYR B 316 -4.16 21.66 -34.53
C TYR B 316 -3.47 20.87 -35.62
N ARG B 317 -3.35 19.53 -35.44
CA ARG B 317 -2.78 18.62 -36.43
C ARG B 317 -3.61 18.67 -37.74
N MET B 318 -4.93 18.94 -37.65
CA MET B 318 -5.81 19.05 -38.83
C MET B 318 -5.59 20.39 -39.54
N TYR B 319 -5.44 21.49 -38.74
CA TYR B 319 -5.13 22.85 -39.21
C TYR B 319 -3.80 22.86 -39.97
N GLN B 320 -2.80 22.10 -39.45
CA GLN B 320 -1.46 21.97 -40.02
C GLN B 320 -1.53 21.39 -41.44
N LYS B 321 -2.44 20.43 -41.67
CA LYS B 321 -2.66 19.76 -42.95
C LYS B 321 -3.55 20.59 -43.92
N GLY B 322 -3.87 21.84 -43.53
CA GLY B 322 -4.73 22.72 -44.31
C GLY B 322 -6.15 22.21 -44.44
N GLN B 323 -6.58 21.35 -43.49
CA GLN B 323 -7.90 20.70 -43.37
C GLN B 323 -8.84 21.62 -42.56
N GLU B 324 -10.17 21.36 -42.64
CA GLU B 324 -11.16 22.17 -41.94
C GLU B 324 -11.23 21.80 -40.48
N THR B 325 -11.30 22.84 -39.61
CA THR B 325 -11.37 22.70 -38.15
C THR B 325 -12.60 23.40 -37.61
N SER B 326 -13.15 22.87 -36.51
CA SER B 326 -14.31 23.45 -35.83
C SER B 326 -14.02 23.40 -34.33
N THR B 327 -13.06 24.22 -33.88
CA THR B 327 -12.69 24.22 -32.46
C THR B 327 -13.50 25.22 -31.70
N ASN B 328 -14.11 24.79 -30.58
CA ASN B 328 -14.91 25.66 -29.72
C ASN B 328 -14.00 26.73 -29.00
N PRO B 329 -14.15 28.05 -29.37
CA PRO B 329 -13.26 29.08 -28.77
C PRO B 329 -13.86 29.70 -27.52
N ILE B 330 -15.04 29.22 -27.10
CA ILE B 330 -15.83 29.77 -26.02
C ILE B 330 -15.06 29.82 -24.69
N ALA B 331 -14.33 28.72 -24.34
CA ALA B 331 -13.58 28.66 -23.09
C ALA B 331 -12.45 29.72 -23.12
N SER B 332 -11.74 29.81 -24.27
CA SER B 332 -10.71 30.81 -24.57
C SER B 332 -11.30 32.23 -24.48
N ILE B 333 -12.54 32.46 -25.01
CA ILE B 333 -13.24 33.76 -24.94
C ILE B 333 -13.56 34.09 -23.49
N PHE B 334 -14.08 33.11 -22.72
CA PHE B 334 -14.44 33.31 -21.32
C PHE B 334 -13.21 33.54 -20.42
N ALA B 335 -12.00 33.15 -20.85
CA ALA B 335 -10.79 33.49 -20.11
C ALA B 335 -10.62 35.03 -20.22
N TRP B 336 -10.85 35.60 -21.42
CA TRP B 336 -10.79 37.05 -21.61
C TRP B 336 -11.90 37.78 -20.85
N THR B 337 -13.17 37.32 -20.95
CA THR B 337 -14.30 37.96 -20.25
C THR B 337 -14.19 37.84 -18.75
N ARG B 338 -13.73 36.70 -18.21
CA ARG B 338 -13.59 36.57 -16.75
C ARG B 338 -12.43 37.43 -16.24
N GLY B 339 -11.37 37.52 -17.04
CA GLY B 339 -10.22 38.38 -16.74
C GLY B 339 -10.59 39.84 -16.74
N LEU B 340 -11.29 40.30 -17.82
CA LEU B 340 -11.76 41.68 -17.97
C LEU B 340 -12.81 42.07 -16.93
N ALA B 341 -13.68 41.14 -16.55
CA ALA B 341 -14.69 41.38 -15.50
C ALA B 341 -13.99 41.62 -14.16
N HIS B 342 -12.92 40.86 -13.86
CA HIS B 342 -12.16 41.04 -12.62
C HIS B 342 -11.41 42.38 -12.62
N ARG B 343 -10.83 42.76 -13.79
CA ARG B 343 -10.14 44.03 -14.01
C ARG B 343 -11.13 45.21 -13.76
N ALA B 344 -12.37 45.08 -14.25
CA ALA B 344 -13.44 46.06 -14.11
C ALA B 344 -13.83 46.22 -12.65
N LYS B 345 -13.94 45.10 -11.91
CA LYS B 345 -14.30 45.05 -10.48
C LYS B 345 -13.25 45.76 -9.62
N LEU B 346 -11.96 45.59 -9.99
CA LEU B 346 -10.84 46.22 -9.29
C LEU B 346 -10.78 47.72 -9.54
N ASP B 347 -11.10 48.14 -10.78
CA ASP B 347 -11.02 49.53 -11.21
C ASP B 347 -12.35 50.32 -11.14
N ASN B 348 -13.47 49.66 -10.73
CA ASN B 348 -14.83 50.23 -10.67
C ASN B 348 -15.21 50.84 -12.04
N ASN B 349 -14.90 50.07 -13.10
CA ASN B 349 -15.09 50.38 -14.50
C ASN B 349 -16.38 49.70 -15.00
N LYS B 350 -17.49 50.46 -14.99
CA LYS B 350 -18.83 50.02 -15.38
C LYS B 350 -18.91 49.65 -16.86
N GLU B 351 -18.13 50.35 -17.69
CA GLU B 351 -18.05 50.17 -19.15
C GLU B 351 -17.34 48.86 -19.50
N LEU B 352 -16.22 48.55 -18.80
CA LEU B 352 -15.48 47.30 -19.04
C LEU B 352 -16.32 46.11 -18.61
N ALA B 353 -16.98 46.22 -17.43
CA ALA B 353 -17.88 45.23 -16.83
C ALA B 353 -19.05 44.92 -17.77
N PHE B 354 -19.60 45.98 -18.41
CA PHE B 354 -20.69 45.84 -19.36
C PHE B 354 -20.19 45.07 -20.57
N PHE B 355 -19.02 45.47 -21.12
CA PHE B 355 -18.45 44.80 -22.28
C PHE B 355 -18.21 43.30 -22.01
N ALA B 356 -17.56 42.96 -20.86
CA ALA B 356 -17.22 41.58 -20.47
C ALA B 356 -18.47 40.70 -20.45
N ASN B 357 -19.53 41.15 -19.76
CA ASN B 357 -20.81 40.46 -19.69
C ASN B 357 -21.47 40.34 -21.07
N ALA B 358 -21.48 41.44 -21.88
CA ALA B 358 -22.07 41.44 -23.22
C ALA B 358 -21.45 40.36 -24.13
N LEU B 359 -20.10 40.21 -24.09
CA LEU B 359 -19.41 39.18 -24.88
C LEU B 359 -19.80 37.76 -24.45
N GLU B 360 -20.04 37.55 -23.14
CA GLU B 360 -20.50 36.26 -22.60
C GLU B 360 -21.89 35.93 -23.11
N GLU B 361 -22.83 36.93 -23.06
CA GLU B 361 -24.22 36.83 -23.55
C GLU B 361 -24.22 36.53 -25.02
N VAL B 362 -23.42 37.28 -25.83
CA VAL B 362 -23.28 37.09 -27.30
C VAL B 362 -22.89 35.65 -27.61
N SER B 363 -21.89 35.12 -26.87
CA SER B 363 -21.36 33.76 -27.00
C SER B 363 -22.45 32.69 -26.77
N ILE B 364 -23.26 32.84 -25.70
CA ILE B 364 -24.35 31.92 -25.33
C ILE B 364 -25.52 32.07 -26.32
N GLU B 365 -25.91 33.32 -26.64
CA GLU B 365 -26.99 33.63 -27.59
C GLU B 365 -26.74 33.07 -28.98
N THR B 366 -25.47 33.11 -29.49
CA THR B 366 -25.06 32.60 -30.82
C THR B 366 -25.29 31.10 -30.92
N ILE B 367 -24.89 30.34 -29.87
CA ILE B 367 -25.07 28.89 -29.79
C ILE B 367 -26.56 28.55 -29.66
N GLU B 368 -27.28 29.28 -28.79
CA GLU B 368 -28.72 29.14 -28.56
C GLU B 368 -29.53 29.46 -29.85
N ALA B 369 -28.97 30.27 -30.76
CA ALA B 369 -29.56 30.62 -32.05
C ALA B 369 -29.24 29.54 -33.10
N GLY B 370 -28.53 28.49 -32.69
CA GLY B 370 -28.21 27.37 -33.58
C GLY B 370 -26.93 27.47 -34.37
N PHE B 371 -26.10 28.51 -34.11
CA PHE B 371 -24.79 28.69 -34.75
C PHE B 371 -23.76 28.17 -33.72
N MET B 372 -23.10 27.04 -34.02
CA MET B 372 -22.15 26.38 -33.12
C MET B 372 -21.08 25.60 -33.84
N THR B 373 -20.06 25.16 -33.09
CA THR B 373 -18.95 24.33 -33.57
C THR B 373 -19.36 22.84 -33.53
N LYS B 374 -18.66 21.97 -34.27
CA LYS B 374 -18.94 20.53 -34.40
C LYS B 374 -19.25 19.81 -33.09
N ASP B 375 -18.46 20.04 -32.01
CA ASP B 375 -18.62 19.43 -30.67
C ASP B 375 -20.03 19.62 -30.11
N LEU B 376 -20.54 20.87 -30.15
CA LEU B 376 -21.85 21.23 -29.62
C LEU B 376 -22.98 20.67 -30.50
N ALA B 377 -22.74 20.58 -31.82
CA ALA B 377 -23.70 20.01 -32.76
C ALA B 377 -23.82 18.50 -32.46
N ALA B 378 -22.69 17.86 -32.05
CA ALA B 378 -22.65 16.46 -31.65
C ALA B 378 -23.41 16.23 -30.34
N CYS B 379 -23.47 17.23 -29.43
CA CYS B 379 -24.28 17.12 -28.19
C CYS B 379 -25.74 16.95 -28.52
N ILE B 380 -26.22 17.73 -29.50
CA ILE B 380 -27.62 17.75 -29.90
C ILE B 380 -28.02 16.52 -30.73
N LYS B 381 -27.26 16.22 -31.79
CA LYS B 381 -27.58 15.18 -32.76
C LYS B 381 -26.88 13.83 -32.59
N GLY B 382 -25.78 13.79 -31.87
CA GLY B 382 -24.94 12.60 -31.76
C GLY B 382 -23.96 12.68 -32.90
N LEU B 383 -22.67 12.43 -32.62
CA LEU B 383 -21.59 12.53 -33.60
C LEU B 383 -21.85 11.80 -34.96
N PRO B 384 -22.38 10.54 -35.03
CA PRO B 384 -22.61 9.93 -36.36
C PRO B 384 -23.68 10.63 -37.22
N ASN B 385 -24.66 11.29 -36.56
CA ASN B 385 -25.78 11.99 -37.21
C ASN B 385 -25.48 13.47 -37.54
N VAL B 386 -24.23 13.93 -37.33
CA VAL B 386 -23.79 15.29 -37.59
C VAL B 386 -23.35 15.44 -39.06
N GLN B 387 -23.88 16.49 -39.72
CA GLN B 387 -23.60 16.84 -41.11
C GLN B 387 -22.97 18.22 -41.12
N ARG B 388 -22.23 18.56 -42.19
CA ARG B 388 -21.54 19.83 -42.39
C ARG B 388 -22.43 21.08 -42.14
N SER B 389 -23.70 20.99 -42.56
CA SER B 389 -24.72 22.02 -42.43
C SER B 389 -25.11 22.34 -40.97
N ASP B 390 -24.88 21.38 -40.04
CA ASP B 390 -25.21 21.52 -38.61
C ASP B 390 -24.23 22.38 -37.79
N TYR B 391 -23.04 22.69 -38.35
CA TYR B 391 -22.03 23.45 -37.61
C TYR B 391 -21.25 24.44 -38.47
N LEU B 392 -20.49 25.32 -37.81
CA LEU B 392 -19.63 26.32 -38.45
C LEU B 392 -18.19 25.95 -38.19
N ASN B 393 -17.28 26.31 -39.11
CA ASN B 393 -15.86 26.05 -38.87
C ASN B 393 -15.30 27.09 -37.85
N THR B 394 -14.04 26.93 -37.43
CA THR B 394 -13.38 27.80 -36.45
C THR B 394 -13.52 29.30 -36.82
N PHE B 395 -13.17 29.66 -38.07
CA PHE B 395 -13.22 31.03 -38.57
C PHE B 395 -14.66 31.56 -38.72
N GLU B 396 -15.55 30.72 -39.30
CA GLU B 396 -16.99 31.02 -39.50
C GLU B 396 -17.64 31.37 -38.18
N PHE B 397 -17.40 30.54 -37.14
CA PHE B 397 -17.95 30.77 -35.80
C PHE B 397 -17.46 32.08 -35.19
N MET B 398 -16.14 32.38 -35.34
CA MET B 398 -15.54 33.64 -34.87
C MET B 398 -16.17 34.86 -35.57
N ASP B 399 -16.44 34.75 -36.89
CA ASP B 399 -17.07 35.80 -37.71
C ASP B 399 -18.47 36.12 -37.21
N LYS B 400 -19.26 35.05 -36.93
CA LYS B 400 -20.62 35.17 -36.42
C LYS B 400 -20.65 35.85 -35.07
N LEU B 401 -19.66 35.52 -34.21
CA LEU B 401 -19.54 36.11 -32.88
C LEU B 401 -19.23 37.60 -32.98
N GLY B 402 -18.31 37.96 -33.87
CA GLY B 402 -17.90 39.35 -34.14
C GLY B 402 -19.06 40.21 -34.61
N GLU B 403 -19.85 39.65 -35.54
CA GLU B 403 -21.05 40.29 -36.08
C GLU B 403 -22.09 40.53 -34.95
N ASN B 404 -22.37 39.47 -34.16
CA ASN B 404 -23.30 39.55 -33.05
C ASN B 404 -22.83 40.45 -31.93
N LEU B 405 -21.50 40.52 -31.70
CA LEU B 405 -20.93 41.41 -30.70
C LEU B 405 -21.11 42.88 -31.12
N LYS B 406 -20.80 43.18 -32.40
CA LYS B 406 -20.98 44.53 -32.99
C LYS B 406 -22.42 45.02 -32.81
N ILE B 407 -23.39 44.13 -33.11
CA ILE B 407 -24.83 44.38 -32.97
C ILE B 407 -25.21 44.67 -31.52
N LYS B 408 -24.84 43.77 -30.58
CA LYS B 408 -25.17 43.91 -29.16
C LYS B 408 -24.63 45.21 -28.56
N LEU B 409 -23.40 45.60 -28.94
CA LEU B 409 -22.78 46.83 -28.42
C LEU B 409 -23.38 48.09 -29.03
N ALA B 410 -23.79 48.04 -30.32
CA ALA B 410 -24.44 49.18 -30.99
C ALA B 410 -25.81 49.47 -30.32
N GLN B 411 -26.64 48.42 -30.16
CA GLN B 411 -27.96 48.49 -29.54
C GLN B 411 -27.92 48.97 -28.09
N ALA B 412 -26.84 48.60 -27.36
CA ALA B 412 -26.65 49.00 -25.96
C ALA B 412 -26.34 50.49 -25.87
N LYS B 413 -25.55 51.03 -26.82
CA LYS B 413 -25.15 52.44 -26.89
C LYS B 413 -26.39 53.30 -27.20
N LEU B 414 -27.20 52.86 -28.17
CA LEU B 414 -28.45 53.49 -28.58
C LEU B 414 -29.48 53.52 -27.46
N SER B 415 -29.51 52.45 -26.63
CA SER B 415 -30.40 52.29 -25.49
C SER B 415 -30.19 53.34 -24.39
N LEU B 416 -29.05 54.05 -24.40
CA LEU B 416 -28.73 55.09 -23.43
C LEU B 416 -29.56 56.36 -23.66
N GLU B 417 -30.40 56.69 -22.66
CA GLU B 417 -31.33 57.82 -22.59
C GLU B 417 -30.61 59.15 -22.23
N HIS B 418 -31.21 60.29 -22.60
CA HIS B 418 -30.71 61.64 -22.31
C HIS B 418 -30.88 62.01 -20.82
N LYS C 3 10.47 11.02 17.49
CA LYS C 3 11.64 10.34 16.95
C LYS C 3 11.84 8.93 17.56
N LYS C 4 12.71 8.12 16.91
CA LYS C 4 13.03 6.76 17.33
C LYS C 4 14.48 6.74 17.79
N ILE C 5 14.92 5.64 18.41
CA ILE C 5 16.30 5.50 18.83
C ILE C 5 17.08 5.07 17.57
N SER C 6 18.30 5.58 17.39
CA SER C 6 19.15 5.22 16.25
C SER C 6 19.87 3.93 16.64
N GLY C 7 19.33 2.80 16.19
CA GLY C 7 19.82 1.46 16.51
C GLY C 7 21.14 1.04 15.91
N GLY C 8 21.38 1.37 14.64
CA GLY C 8 22.61 0.98 13.97
C GLY C 8 22.48 -0.29 13.15
N SER C 9 23.63 -0.91 12.81
CA SER C 9 23.67 -2.11 11.97
C SER C 9 23.42 -3.39 12.72
N VAL C 10 22.36 -4.13 12.34
CA VAL C 10 22.02 -5.41 12.96
C VAL C 10 21.67 -6.44 11.87
N VAL C 11 22.25 -7.66 11.96
CA VAL C 11 21.95 -8.75 11.03
C VAL C 11 20.80 -9.56 11.64
N GLU C 12 19.68 -9.70 10.93
CA GLU C 12 18.57 -10.51 11.42
C GLU C 12 18.41 -11.74 10.54
N MET C 13 18.10 -12.90 11.17
CA MET C 13 17.90 -14.16 10.47
C MET C 13 16.51 -14.65 10.75
N GLN C 14 15.64 -14.58 9.75
CA GLN C 14 14.25 -15.03 9.84
C GLN C 14 14.25 -16.58 9.85
N GLY C 15 13.28 -17.18 10.52
CA GLY C 15 13.23 -18.63 10.69
C GLY C 15 11.97 -19.30 10.20
N ASP C 16 11.55 -20.32 10.95
CA ASP C 16 10.46 -21.15 10.56
C ASP C 16 9.32 -21.27 11.54
N GLU C 17 8.18 -21.72 11.01
CA GLU C 17 6.96 -22.14 11.66
C GLU C 17 6.41 -21.12 12.70
N MET C 18 6.18 -21.53 13.98
CA MET C 18 5.60 -20.63 15.00
C MET C 18 6.52 -19.48 15.36
N THR C 19 7.83 -19.75 15.48
CA THR C 19 8.81 -18.72 15.78
C THR C 19 8.84 -17.67 14.68
N ARG C 20 8.53 -18.04 13.42
CA ARG C 20 8.47 -17.10 12.29
C ARG C 20 7.41 -16.04 12.50
N ILE C 21 6.17 -16.46 12.83
CA ILE C 21 5.02 -15.58 13.10
C ILE C 21 5.39 -14.63 14.28
N ILE C 22 5.81 -15.22 15.41
CA ILE C 22 6.22 -14.55 16.64
C ILE C 22 7.30 -13.51 16.37
N TRP C 23 8.28 -13.86 15.54
CA TRP C 23 9.37 -12.97 15.14
C TRP C 23 8.84 -11.64 14.55
N GLU C 24 7.84 -11.72 13.64
CA GLU C 24 7.20 -10.59 12.96
C GLU C 24 6.36 -9.74 13.91
N LEU C 25 5.64 -10.39 14.84
CA LEU C 25 4.89 -9.67 15.88
C LEU C 25 5.83 -8.85 16.76
N ILE C 26 7.00 -9.41 17.13
CA ILE C 26 8.04 -8.74 17.92
C ILE C 26 8.58 -7.49 17.23
N LYS C 27 8.98 -7.63 15.96
CA LYS C 27 9.53 -6.51 15.17
C LYS C 27 8.51 -5.39 15.05
N GLU C 28 7.28 -5.74 14.65
CA GLU C 28 6.19 -4.82 14.46
C GLU C 28 5.71 -4.13 15.75
N LYS C 29 5.56 -4.87 16.85
CA LYS C 29 5.01 -4.32 18.10
C LYS C 29 6.05 -3.81 19.11
N LEU C 30 7.26 -4.39 19.14
CA LEU C 30 8.21 -4.04 20.20
C LEU C 30 9.48 -3.36 19.77
N ILE C 31 9.91 -3.58 18.54
CA ILE C 31 11.18 -3.00 18.08
C ILE C 31 10.96 -1.78 17.17
N PHE C 32 10.31 -1.99 16.02
CA PHE C 32 10.12 -0.97 14.98
C PHE C 32 9.43 0.32 15.47
N PRO C 33 8.37 0.31 16.36
CA PRO C 33 7.82 1.58 16.84
C PRO C 33 8.81 2.48 17.58
N TYR C 34 9.91 1.91 18.15
CA TYR C 34 10.86 2.65 18.99
C TYR C 34 12.27 2.74 18.50
N VAL C 35 12.68 1.79 17.64
CA VAL C 35 14.07 1.71 17.17
C VAL C 35 14.14 1.75 15.65
N GLU C 36 15.05 2.58 15.13
CA GLU C 36 15.36 2.73 13.70
C GLU C 36 16.64 1.92 13.49
N LEU C 37 16.61 0.92 12.62
CA LEU C 37 17.81 0.09 12.42
C LEU C 37 18.24 0.01 10.98
N ASP C 38 19.55 -0.13 10.76
CA ASP C 38 20.11 -0.48 9.46
C ASP C 38 20.08 -2.04 9.51
N LEU C 39 18.92 -2.61 9.17
CA LEU C 39 18.63 -4.04 9.23
C LEU C 39 19.07 -4.82 7.99
N HIS C 40 19.99 -5.79 8.20
CA HIS C 40 20.51 -6.67 7.16
C HIS C 40 19.80 -8.01 7.33
N SER C 41 18.67 -8.17 6.62
CA SER C 41 17.77 -9.32 6.69
C SER C 41 18.12 -10.49 5.76
N TYR C 42 18.23 -11.69 6.34
CA TYR C 42 18.53 -12.94 5.65
C TYR C 42 17.44 -13.90 6.02
N ASP C 43 16.72 -14.41 5.04
CA ASP C 43 15.64 -15.33 5.32
C ASP C 43 16.18 -16.76 5.43
N LEU C 44 16.29 -17.28 6.66
CA LEU C 44 16.77 -18.65 6.87
C LEU C 44 15.60 -19.63 7.02
N GLY C 45 14.43 -19.26 6.52
CA GLY C 45 13.28 -20.16 6.46
C GLY C 45 13.70 -21.34 5.58
N ILE C 46 13.14 -22.53 5.82
CA ILE C 46 13.51 -23.77 5.12
C ILE C 46 13.36 -23.67 3.56
N GLU C 47 12.31 -22.97 3.07
CA GLU C 47 12.05 -22.78 1.63
C GLU C 47 13.14 -21.91 0.98
N ASN C 48 13.57 -20.82 1.67
CA ASN C 48 14.62 -19.97 1.12
C ASN C 48 15.98 -20.63 1.16
N ARG C 49 16.28 -21.44 2.19
CA ARG C 49 17.56 -22.17 2.25
C ARG C 49 17.60 -23.19 1.11
N ASP C 50 16.46 -23.86 0.84
CA ASP C 50 16.34 -24.81 -0.26
C ASP C 50 16.54 -24.11 -1.61
N ALA C 51 15.88 -22.95 -1.82
CA ALA C 51 15.97 -22.15 -3.03
C ALA C 51 17.37 -21.63 -3.33
N THR C 52 18.15 -21.35 -2.27
CA THR C 52 19.52 -20.80 -2.42
C THR C 52 20.62 -21.86 -2.22
N ASN C 53 20.24 -23.16 -2.12
CA ASN C 53 21.19 -24.26 -1.88
C ASN C 53 22.04 -24.01 -0.59
N ASP C 54 21.35 -23.47 0.44
CA ASP C 54 21.88 -23.12 1.76
C ASP C 54 22.91 -21.98 1.73
N GLN C 55 23.03 -21.27 0.59
CA GLN C 55 23.97 -20.14 0.49
C GLN C 55 23.56 -18.98 1.41
N VAL C 56 22.24 -18.75 1.58
CA VAL C 56 21.72 -17.66 2.45
C VAL C 56 22.31 -17.75 3.90
N THR C 57 22.51 -19.00 4.42
CA THR C 57 23.07 -19.29 5.75
C THR C 57 24.51 -18.82 5.88
N LYS C 58 25.35 -19.15 4.87
CA LYS C 58 26.76 -18.76 4.81
C LYS C 58 26.87 -17.23 4.68
N ASP C 59 25.99 -16.61 3.86
CA ASP C 59 25.97 -15.14 3.66
C ASP C 59 25.59 -14.43 4.97
N ALA C 60 24.58 -14.97 5.69
CA ALA C 60 24.16 -14.41 6.98
C ALA C 60 25.32 -14.48 7.98
N ALA C 61 26.07 -15.60 8.01
CA ALA C 61 27.21 -15.78 8.91
C ALA C 61 28.30 -14.77 8.62
N GLU C 62 28.61 -14.53 7.32
CA GLU C 62 29.58 -13.53 6.85
C GLU C 62 29.12 -12.12 7.20
N ALA C 63 27.82 -11.83 7.07
CA ALA C 63 27.25 -10.52 7.46
C ALA C 63 27.46 -10.26 8.96
N ILE C 64 27.30 -11.31 9.84
CA ILE C 64 27.53 -11.18 11.29
C ILE C 64 28.99 -10.84 11.56
N LYS C 65 29.93 -11.48 10.83
CA LYS C 65 31.36 -11.19 10.96
C LYS C 65 31.65 -9.69 10.71
N LYS C 66 30.98 -9.12 9.70
CA LYS C 66 31.14 -7.74 9.26
C LYS C 66 30.47 -6.72 10.20
N HIS C 67 29.20 -6.95 10.60
CA HIS C 67 28.45 -6.00 11.44
C HIS C 67 28.49 -6.24 12.94
N ASN C 68 29.00 -7.43 13.37
CA ASN C 68 29.26 -7.83 14.76
C ASN C 68 28.01 -8.13 15.58
N VAL C 69 26.81 -8.03 15.02
CA VAL C 69 25.61 -8.30 15.79
C VAL C 69 24.66 -9.07 14.91
N GLY C 70 24.27 -10.26 15.38
CA GLY C 70 23.29 -11.09 14.70
C GLY C 70 22.18 -11.47 15.66
N VAL C 71 20.95 -11.54 15.17
CA VAL C 71 19.77 -11.94 15.96
C VAL C 71 19.04 -12.99 15.16
N LYS C 72 18.95 -14.20 15.70
CA LYS C 72 18.41 -15.31 14.93
C LYS C 72 17.14 -15.91 15.46
N CYS C 73 16.19 -16.12 14.56
CA CYS C 73 14.94 -16.81 14.78
C CYS C 73 15.21 -18.34 14.69
N ALA C 74 14.51 -19.15 15.49
CA ALA C 74 14.62 -20.61 15.47
C ALA C 74 14.29 -21.12 14.04
N THR C 75 15.11 -22.09 13.54
CA THR C 75 15.00 -22.68 12.20
C THR C 75 14.85 -24.21 12.23
N ILE C 76 14.27 -24.80 11.16
CA ILE C 76 14.15 -26.24 11.02
C ILE C 76 15.51 -26.79 10.55
N THR C 77 16.02 -27.85 11.23
CA THR C 77 17.18 -28.62 10.78
C THR C 77 16.53 -29.83 10.10
N PRO C 78 16.59 -29.92 8.77
CA PRO C 78 15.83 -30.99 8.10
C PRO C 78 16.37 -32.41 8.28
N ASP C 79 15.41 -33.33 8.47
CA ASP C 79 15.63 -34.77 8.53
C ASP C 79 14.79 -35.39 7.37
N GLU C 80 14.79 -36.73 7.23
CA GLU C 80 14.05 -37.48 6.20
C GLU C 80 12.59 -37.03 6.04
N LYS C 81 11.85 -36.87 7.17
CA LYS C 81 10.46 -36.42 7.18
C LYS C 81 10.29 -34.98 6.69
N ARG C 82 11.29 -34.10 6.99
CA ARG C 82 11.29 -32.70 6.54
C ARG C 82 11.59 -32.60 5.05
N VAL C 83 12.49 -33.48 4.55
CA VAL C 83 12.83 -33.55 3.11
C VAL C 83 11.53 -33.88 2.33
N GLU C 84 10.74 -34.85 2.82
CA GLU C 84 9.45 -35.26 2.24
C GLU C 84 8.43 -34.13 2.28
N GLU C 85 8.29 -33.47 3.46
CA GLU C 85 7.35 -32.38 3.74
C GLU C 85 7.54 -31.18 2.82
N PHE C 86 8.77 -30.69 2.70
CA PHE C 86 9.06 -29.50 1.92
C PHE C 86 9.61 -29.78 0.53
N LYS C 87 9.68 -31.08 0.13
CA LYS C 87 10.20 -31.56 -1.16
C LYS C 87 11.58 -30.94 -1.42
N LEU C 88 12.46 -31.00 -0.39
CA LEU C 88 13.81 -30.41 -0.43
C LEU C 88 14.74 -31.11 -1.40
N LYS C 89 15.70 -30.35 -1.98
CA LYS C 89 16.67 -30.89 -2.93
C LYS C 89 17.68 -31.79 -2.19
N GLN C 90 17.97 -31.43 -0.93
CA GLN C 90 18.93 -32.12 -0.05
C GLN C 90 18.47 -32.00 1.39
N MET C 91 19.10 -32.81 2.27
CA MET C 91 18.84 -32.76 3.70
C MET C 91 19.87 -31.78 4.25
N TRP C 92 19.59 -30.48 4.10
CA TRP C 92 20.48 -29.39 4.49
C TRP C 92 20.96 -29.50 5.93
N LYS C 93 22.23 -29.12 6.15
CA LYS C 93 22.86 -29.16 7.46
C LYS C 93 22.25 -28.08 8.34
N SER C 94 22.30 -28.27 9.66
CA SER C 94 21.80 -27.31 10.65
C SER C 94 22.36 -25.90 10.38
N PRO C 95 21.48 -24.89 10.20
CA PRO C 95 21.97 -23.50 10.03
C PRO C 95 22.77 -23.01 11.23
N ASN C 96 22.42 -23.44 12.45
CA ASN C 96 23.10 -23.07 13.68
C ASN C 96 24.51 -23.61 13.69
N GLY C 97 24.66 -24.85 13.26
CA GLY C 97 25.95 -25.53 13.11
C GLY C 97 26.84 -24.82 12.12
N THR C 98 26.28 -24.44 10.97
CA THR C 98 27.00 -23.70 9.89
C THR C 98 27.52 -22.38 10.44
N ILE C 99 26.61 -21.56 11.06
CA ILE C 99 26.91 -20.25 11.63
C ILE C 99 27.95 -20.35 12.74
N ARG C 100 27.75 -21.27 13.69
CA ARG C 100 28.67 -21.44 14.82
C ARG C 100 30.02 -21.95 14.34
N ASN C 101 30.04 -22.84 13.35
CA ASN C 101 31.34 -23.32 12.96
C ASN C 101 32.12 -22.20 12.13
N ILE C 102 31.40 -21.25 11.43
CA ILE C 102 32.03 -20.06 10.77
C ILE C 102 32.50 -19.02 11.81
N LEU C 103 31.63 -18.72 12.82
CA LEU C 103 31.98 -17.70 13.82
C LEU C 103 32.85 -18.17 14.95
N GLY C 104 32.62 -19.37 15.46
CA GLY C 104 33.33 -19.89 16.63
C GLY C 104 32.84 -19.22 17.92
N GLY C 105 33.42 -19.62 19.04
CA GLY C 105 33.10 -19.01 20.32
C GLY C 105 32.36 -19.88 21.31
N THR C 106 31.72 -19.24 22.29
CA THR C 106 30.96 -19.94 23.36
C THR C 106 29.51 -19.42 23.39
N VAL C 107 28.55 -20.35 23.54
CA VAL C 107 27.13 -20.00 23.64
C VAL C 107 26.81 -19.92 25.12
N PHE C 108 26.53 -18.73 25.62
CA PHE C 108 26.19 -18.63 27.03
C PHE C 108 24.68 -18.73 27.11
N ARG C 109 24.19 -19.64 28.00
CA ARG C 109 22.77 -19.91 28.17
C ARG C 109 22.43 -19.82 29.64
N GLU C 110 21.28 -19.20 29.94
CA GLU C 110 20.83 -18.94 31.29
C GLU C 110 19.32 -18.74 31.32
N ALA C 111 18.66 -19.24 32.37
CA ALA C 111 17.22 -19.09 32.56
C ALA C 111 16.83 -17.62 32.76
N ILE C 112 15.62 -17.24 32.36
CA ILE C 112 15.01 -15.91 32.55
C ILE C 112 14.06 -16.15 33.73
N ILE C 113 14.40 -15.61 34.88
CA ILE C 113 13.67 -15.87 36.12
C ILE C 113 12.57 -14.86 36.44
N CYS C 114 11.38 -15.38 36.79
CA CYS C 114 10.19 -14.66 37.25
C CYS C 114 9.84 -15.19 38.63
N LYS C 115 9.78 -14.30 39.62
CA LYS C 115 9.47 -14.54 41.03
C LYS C 115 8.27 -15.46 41.30
N ASN C 116 7.29 -15.47 40.40
CA ASN C 116 6.03 -16.22 40.52
C ASN C 116 6.01 -17.55 39.79
N ILE C 117 7.09 -17.88 39.04
CA ILE C 117 7.16 -19.15 38.31
C ILE C 117 7.88 -20.19 39.18
N PRO C 118 7.22 -21.29 39.57
CA PRO C 118 7.91 -22.28 40.42
C PRO C 118 8.85 -23.11 39.57
N ARG C 119 10.00 -23.46 40.16
CA ARG C 119 11.04 -24.31 39.59
C ARG C 119 10.60 -25.77 39.77
N LEU C 120 11.17 -26.64 38.94
CA LEU C 120 10.94 -28.09 39.08
C LEU C 120 12.01 -28.64 40.02
N VAL C 121 13.15 -27.92 40.16
CA VAL C 121 14.28 -28.29 41.02
C VAL C 121 14.27 -27.31 42.19
N SER C 122 13.89 -27.83 43.36
CA SER C 122 13.71 -27.13 44.65
C SER C 122 14.85 -26.21 45.09
N GLY C 123 16.07 -26.72 45.05
CA GLY C 123 17.22 -25.98 45.54
C GLY C 123 17.82 -24.86 44.71
N TRP C 124 17.45 -24.71 43.43
CA TRP C 124 18.07 -23.69 42.55
C TRP C 124 17.63 -22.24 42.83
N VAL C 125 18.16 -21.66 43.92
CA VAL C 125 17.84 -20.29 44.36
C VAL C 125 18.72 -19.24 43.66
N LYS C 126 19.86 -19.66 43.11
CA LYS C 126 20.78 -18.79 42.39
C LYS C 126 20.89 -19.29 40.93
N PRO C 127 21.26 -18.42 39.95
CA PRO C 127 21.32 -18.87 38.55
C PRO C 127 22.49 -19.77 38.18
N ILE C 128 22.30 -20.62 37.19
CA ILE C 128 23.34 -21.50 36.62
C ILE C 128 23.57 -21.01 35.20
N ILE C 129 24.80 -20.64 34.89
CA ILE C 129 25.09 -20.17 33.54
C ILE C 129 25.88 -21.26 32.85
N ILE C 130 25.40 -21.73 31.71
CA ILE C 130 26.11 -22.73 30.92
C ILE C 130 26.90 -22.01 29.82
N GLY C 131 28.19 -22.28 29.79
CA GLY C 131 29.10 -21.80 28.75
C GLY C 131 29.34 -23.00 27.85
N ARG C 132 28.58 -23.10 26.77
CA ARG C 132 28.66 -24.21 25.85
C ARG C 132 29.70 -23.92 24.73
N HIS C 133 30.81 -24.70 24.64
CA HIS C 133 31.77 -24.56 23.55
C HIS C 133 30.96 -24.71 22.23
N ALA C 134 30.92 -23.70 21.33
CA ALA C 134 30.09 -23.76 20.13
C ALA C 134 30.77 -24.39 18.91
N TYR C 135 32.02 -24.82 19.03
CA TYR C 135 32.74 -25.36 17.87
C TYR C 135 33.07 -26.85 17.97
N GLY C 136 33.03 -27.52 16.84
CA GLY C 136 33.46 -28.91 16.65
C GLY C 136 32.68 -30.02 17.32
N ASP C 137 33.39 -31.12 17.62
CA ASP C 137 32.87 -32.36 18.19
C ASP C 137 31.74 -32.89 17.28
N GLN C 138 30.60 -33.35 17.85
CA GLN C 138 29.48 -33.93 17.09
C GLN C 138 28.83 -33.01 16.07
N TYR C 139 29.02 -31.67 16.20
CA TYR C 139 28.37 -30.67 15.35
C TYR C 139 29.19 -30.31 14.12
N ARG C 140 30.35 -30.94 13.93
CA ARG C 140 31.16 -30.79 12.73
C ARG C 140 31.83 -32.14 12.41
N ALA C 141 31.11 -33.23 12.71
CA ALA C 141 31.58 -34.60 12.60
C ALA C 141 31.37 -35.24 11.23
N THR C 142 32.03 -36.37 10.99
CA THR C 142 31.83 -37.15 9.78
C THR C 142 31.34 -38.51 10.20
N ASP C 143 30.08 -38.80 9.94
CA ASP C 143 29.50 -40.09 10.34
C ASP C 143 28.94 -40.81 9.15
N PHE C 144 28.95 -42.14 9.18
CA PHE C 144 28.49 -42.95 8.05
C PHE C 144 28.08 -44.32 8.50
N VAL C 145 27.30 -45.02 7.66
CA VAL C 145 26.85 -46.39 7.86
C VAL C 145 27.97 -47.31 7.37
N VAL C 146 28.30 -48.35 8.16
CA VAL C 146 29.27 -49.38 7.78
C VAL C 146 28.40 -50.52 7.19
N PRO C 147 28.44 -50.78 5.86
CA PRO C 147 27.49 -51.75 5.26
C PRO C 147 27.71 -53.23 5.57
N GLY C 148 28.93 -53.60 5.94
CA GLY C 148 29.25 -54.98 6.24
C GLY C 148 30.64 -55.15 6.81
N PRO C 149 31.11 -56.41 6.94
CA PRO C 149 32.46 -56.66 7.49
C PRO C 149 33.54 -55.85 6.78
N GLY C 150 34.52 -55.42 7.54
CA GLY C 150 35.61 -54.59 7.05
C GLY C 150 36.16 -53.70 8.13
N LYS C 151 37.29 -53.07 7.84
CA LYS C 151 38.04 -52.24 8.77
C LYS C 151 37.69 -50.75 8.67
N VAL C 152 37.50 -50.12 9.84
CA VAL C 152 37.34 -48.68 9.97
C VAL C 152 38.62 -48.21 10.63
N GLU C 153 39.34 -47.29 9.95
CA GLU C 153 40.58 -46.76 10.48
C GLU C 153 40.53 -45.26 10.49
N ILE C 154 41.26 -44.63 11.38
CA ILE C 154 41.34 -43.18 11.42
C ILE C 154 42.82 -42.79 11.27
N THR C 155 43.15 -41.88 10.32
CA THR C 155 44.55 -41.50 10.07
C THR C 155 44.90 -40.01 10.26
N TYR C 156 46.11 -39.74 10.75
CA TYR C 156 46.62 -38.38 10.88
C TYR C 156 47.90 -38.26 10.03
N THR C 157 47.89 -37.28 9.10
CA THR C 157 49.04 -37.00 8.23
C THR C 157 49.50 -35.55 8.45
N PRO C 158 50.64 -35.30 9.11
CA PRO C 158 51.12 -33.90 9.24
C PRO C 158 51.27 -33.26 7.85
N SER C 159 51.01 -31.95 7.77
CA SER C 159 51.05 -31.20 6.50
C SER C 159 52.38 -31.31 5.73
N ASP C 160 53.53 -31.59 6.41
CA ASP C 160 54.83 -31.81 5.73
C ASP C 160 54.90 -33.17 4.97
N GLY C 161 54.00 -34.10 5.29
CA GLY C 161 53.93 -35.41 4.65
C GLY C 161 55.04 -36.40 4.98
N THR C 162 55.80 -36.15 6.08
CA THR C 162 56.95 -36.95 6.52
C THR C 162 56.59 -38.10 7.48
N GLN C 163 55.32 -38.17 7.88
CA GLN C 163 54.81 -39.25 8.70
C GLN C 163 53.30 -39.42 8.52
N LYS C 164 52.76 -40.53 9.00
CA LYS C 164 51.36 -40.92 8.87
C LYS C 164 51.05 -41.89 10.03
N VAL C 165 50.07 -41.54 10.87
CA VAL C 165 49.66 -42.39 11.98
C VAL C 165 48.30 -42.98 11.63
N THR C 166 48.17 -44.30 11.67
CA THR C 166 46.90 -44.99 11.39
C THR C 166 46.43 -45.70 12.63
N TYR C 167 45.21 -45.40 13.08
CA TYR C 167 44.64 -46.09 14.25
C TYR C 167 43.47 -46.97 13.77
N LEU C 168 43.38 -48.18 14.28
CA LEU C 168 42.24 -49.02 13.95
C LEU C 168 41.08 -48.60 14.89
N VAL C 169 39.93 -48.27 14.32
CA VAL C 169 38.75 -47.89 15.08
C VAL C 169 38.05 -49.20 15.41
N HIS C 170 37.78 -50.01 14.38
CA HIS C 170 37.15 -51.31 14.56
C HIS C 170 37.23 -52.17 13.33
N ASN C 171 37.44 -53.45 13.56
CA ASN C 171 37.37 -54.40 12.47
C ASN C 171 36.02 -55.13 12.61
N PHE C 172 35.05 -54.77 11.77
CA PHE C 172 33.72 -55.38 11.75
C PHE C 172 33.87 -56.80 11.17
N GLU C 173 33.57 -57.82 11.97
CA GLU C 173 33.74 -59.19 11.50
C GLU C 173 32.43 -59.85 11.10
N GLU C 174 31.34 -59.46 11.73
CA GLU C 174 30.01 -59.99 11.40
C GLU C 174 29.06 -58.81 11.29
N GLY C 175 28.50 -58.62 10.12
CA GLY C 175 27.60 -57.52 9.83
C GLY C 175 28.28 -56.16 9.79
N GLY C 176 27.48 -55.12 9.74
CA GLY C 176 27.98 -53.75 9.75
C GLY C 176 27.53 -52.99 10.99
N GLY C 177 27.37 -51.69 10.79
CA GLY C 177 26.96 -50.79 11.83
C GLY C 177 27.19 -49.36 11.42
N VAL C 178 27.90 -48.60 12.28
CA VAL C 178 28.13 -47.18 12.09
C VAL C 178 29.48 -46.78 12.60
N ALA C 179 30.01 -45.70 12.07
CA ALA C 179 31.29 -45.17 12.52
C ALA C 179 31.28 -43.67 12.33
N MET C 180 32.15 -42.98 13.06
CA MET C 180 32.25 -41.52 12.92
C MET C 180 33.57 -41.00 13.37
N GLY C 181 34.01 -39.93 12.74
CA GLY C 181 35.21 -39.22 13.16
C GLY C 181 34.78 -37.81 13.55
N MET C 182 35.44 -37.24 14.55
CA MET C 182 35.15 -35.88 14.99
C MET C 182 36.44 -35.29 15.53
N TYR C 183 36.46 -33.98 15.73
CA TYR C 183 37.66 -33.31 16.14
C TYR C 183 37.36 -32.04 16.86
N ASN C 184 38.41 -31.47 17.44
CA ASN C 184 38.40 -30.13 17.99
C ASN C 184 39.76 -29.50 17.77
N GLN C 185 39.82 -28.17 17.87
CA GLN C 185 41.02 -27.37 17.60
C GLN C 185 41.51 -26.67 18.85
N ASP C 186 42.83 -26.72 19.10
CA ASP C 186 43.48 -26.11 20.28
C ASP C 186 43.11 -24.64 20.51
N LYS C 187 43.16 -23.83 19.44
CA LYS C 187 42.82 -22.41 19.52
C LYS C 187 41.37 -22.15 19.97
N SER C 188 40.42 -22.94 19.44
CA SER C 188 39.02 -22.87 19.80
C SER C 188 38.83 -23.27 21.28
N ILE C 189 39.57 -24.30 21.75
CA ILE C 189 39.51 -24.74 23.15
C ILE C 189 40.05 -23.63 24.08
N GLU C 190 41.13 -22.97 23.64
CA GLU C 190 41.74 -21.85 24.38
C GLU C 190 40.78 -20.69 24.57
N ASP C 191 40.06 -20.32 23.50
CA ASP C 191 39.08 -19.24 23.51
C ASP C 191 37.89 -19.58 24.43
N PHE C 192 37.50 -20.87 24.46
CA PHE C 192 36.43 -21.42 25.31
C PHE C 192 36.82 -21.29 26.78
N ALA C 193 38.07 -21.66 27.12
CA ALA C 193 38.65 -21.51 28.45
C ALA C 193 38.64 -20.01 28.89
N HIS C 194 39.16 -19.10 28.04
CA HIS C 194 39.20 -17.67 28.33
C HIS C 194 37.79 -17.11 28.57
N SER C 195 36.83 -17.40 27.67
CA SER C 195 35.43 -16.98 27.79
C SER C 195 34.80 -17.43 29.11
N SER C 196 35.09 -18.68 29.55
CA SER C 196 34.53 -19.29 30.77
C SER C 196 35.11 -18.63 32.04
N PHE C 197 36.47 -18.47 32.10
CA PHE C 197 37.14 -17.81 33.23
C PHE C 197 36.65 -16.38 33.39
N GLN C 198 36.53 -15.64 32.26
CA GLN C 198 36.05 -14.26 32.22
C GLN C 198 34.60 -14.10 32.66
N MET C 199 33.73 -15.06 32.27
CA MET C 199 32.31 -15.04 32.65
C MET C 199 32.16 -15.23 34.15
N ALA C 200 32.95 -16.15 34.72
CA ALA C 200 32.97 -16.47 36.14
C ALA C 200 33.41 -15.25 36.96
N LEU C 201 34.44 -14.54 36.47
CA LEU C 201 34.98 -13.33 37.09
C LEU C 201 34.02 -12.14 37.00
N SER C 202 33.27 -12.03 35.89
CA SER C 202 32.30 -10.96 35.74
C SER C 202 31.08 -11.16 36.63
N LYS C 203 30.70 -12.43 36.89
CA LYS C 203 29.55 -12.75 37.76
C LYS C 203 29.94 -12.95 39.22
N GLY C 204 31.21 -13.24 39.46
CA GLY C 204 31.73 -13.49 40.80
C GLY C 204 31.30 -14.84 41.34
N TRP C 205 31.25 -15.87 40.46
CA TRP C 205 30.86 -17.22 40.85
C TRP C 205 31.94 -18.23 40.53
N PRO C 206 31.97 -19.40 41.20
CA PRO C 206 32.94 -20.43 40.80
C PRO C 206 32.65 -21.02 39.41
N LEU C 207 33.67 -21.62 38.81
CA LEU C 207 33.58 -22.23 37.48
C LEU C 207 33.88 -23.74 37.53
N TYR C 208 33.04 -24.52 36.87
CA TYR C 208 33.17 -25.97 36.74
C TYR C 208 33.23 -26.35 35.27
N LEU C 209 34.20 -27.16 34.88
CA LEU C 209 34.33 -27.71 33.51
C LEU C 209 34.02 -29.19 33.62
N SER C 210 33.09 -29.69 32.80
CA SER C 210 32.79 -31.13 32.79
C SER C 210 33.39 -31.80 31.55
N THR C 211 33.97 -32.99 31.72
CA THR C 211 34.50 -33.82 30.61
C THR C 211 34.32 -35.30 31.02
N LYS C 212 34.76 -36.22 30.15
CA LYS C 212 34.81 -37.64 30.43
C LYS C 212 36.25 -38.10 30.16
N ASN C 213 37.22 -37.38 30.77
CA ASN C 213 38.67 -37.60 30.55
C ASN C 213 39.17 -38.97 31.07
N THR C 214 38.41 -39.67 31.93
CA THR C 214 38.80 -41.00 32.38
C THR C 214 38.60 -42.00 31.25
N ILE C 215 37.67 -41.69 30.33
CA ILE C 215 37.35 -42.53 29.16
C ILE C 215 38.06 -42.01 27.90
N LEU C 216 37.87 -40.73 27.59
CA LEU C 216 38.51 -40.09 26.41
C LEU C 216 39.73 -39.36 26.92
N LYS C 217 40.75 -40.11 27.30
CA LYS C 217 41.98 -39.65 27.95
C LYS C 217 42.73 -38.59 27.17
N LYS C 218 42.79 -38.74 25.84
CA LYS C 218 43.48 -37.77 25.00
C LYS C 218 42.59 -36.62 24.57
N TYR C 219 41.38 -36.91 24.06
CA TYR C 219 40.46 -35.93 23.55
C TYR C 219 39.97 -34.97 24.68
N ASP C 220 39.39 -35.52 25.75
CA ASP C 220 38.89 -34.72 26.88
C ASP C 220 40.00 -34.27 27.79
N GLY C 221 41.07 -35.06 27.86
CA GLY C 221 42.26 -34.71 28.63
C GLY C 221 42.84 -33.39 28.15
N ARG C 222 42.73 -33.13 26.82
CA ARG C 222 43.21 -31.89 26.22
C ARG C 222 42.38 -30.69 26.71
N PHE C 223 41.04 -30.80 26.77
CA PHE C 223 40.16 -29.73 27.29
C PHE C 223 40.59 -29.44 28.73
N LYS C 224 40.74 -30.50 29.55
CA LYS C 224 41.16 -30.44 30.97
C LYS C 224 42.53 -29.74 31.13
N ASP C 225 43.54 -30.17 30.34
CA ASP C 225 44.88 -29.57 30.37
C ASP C 225 44.90 -28.10 29.96
N ILE C 226 44.16 -27.73 28.91
CA ILE C 226 44.11 -26.35 28.43
C ILE C 226 43.43 -25.42 29.48
N PHE C 227 42.33 -25.88 30.10
CA PHE C 227 41.64 -25.10 31.15
C PHE C 227 42.56 -24.90 32.37
N GLN C 228 43.19 -25.98 32.84
CA GLN C 228 44.07 -25.93 34.01
C GLN C 228 45.30 -25.02 33.81
N GLU C 229 45.94 -25.11 32.64
CA GLU C 229 47.10 -24.33 32.25
C GLU C 229 46.77 -22.83 32.20
N ILE C 230 45.67 -22.45 31.52
CA ILE C 230 45.19 -21.07 31.39
C ILE C 230 44.82 -20.47 32.76
N TYR C 231 44.20 -21.29 33.65
CA TYR C 231 43.81 -20.88 34.99
C TYR C 231 45.07 -20.49 35.83
N ASP C 232 46.03 -21.43 35.96
CA ASP C 232 47.27 -21.27 36.72
C ASP C 232 48.09 -20.05 36.28
N LYS C 233 48.21 -19.84 34.95
CA LYS C 233 49.01 -18.76 34.38
C LYS C 233 48.34 -17.41 34.27
N GLN C 234 47.02 -17.36 34.03
CA GLN C 234 46.34 -16.08 33.78
C GLN C 234 45.15 -15.70 34.70
N TYR C 235 44.54 -16.66 35.45
CA TYR C 235 43.33 -16.30 36.19
C TYR C 235 43.28 -16.64 37.66
N LYS C 236 44.10 -17.55 38.15
CA LYS C 236 44.07 -18.01 39.53
C LYS C 236 44.03 -16.88 40.60
N SER C 237 44.90 -15.86 40.50
CA SER C 237 44.96 -14.74 41.47
C SER C 237 43.65 -13.95 41.46
N GLN C 238 43.06 -13.76 40.28
CA GLN C 238 41.79 -13.08 40.08
C GLN C 238 40.63 -13.83 40.77
N PHE C 239 40.61 -15.18 40.67
CA PHE C 239 39.61 -16.04 41.32
C PHE C 239 39.78 -15.99 42.84
N GLU C 240 41.04 -16.06 43.33
CA GLU C 240 41.40 -15.97 44.74
C GLU C 240 40.98 -14.61 45.36
N ALA C 241 41.10 -13.51 44.60
CA ALA C 241 40.71 -12.16 44.99
C ALA C 241 39.18 -12.03 45.19
N GLN C 242 38.39 -12.75 44.37
CA GLN C 242 36.94 -12.73 44.48
C GLN C 242 36.40 -13.89 45.32
N LYS C 243 37.32 -14.69 45.91
CA LYS C 243 37.05 -15.85 46.77
C LYS C 243 36.22 -16.93 46.03
N ILE C 244 36.49 -17.09 44.71
CA ILE C 244 35.85 -18.08 43.84
C ILE C 244 36.90 -19.11 43.41
N TRP C 245 36.49 -20.17 42.72
CA TRP C 245 37.41 -21.23 42.32
C TRP C 245 37.06 -21.84 40.95
N TYR C 246 38.00 -22.59 40.40
CA TYR C 246 37.82 -23.34 39.17
C TYR C 246 38.13 -24.77 39.47
N GLU C 247 37.18 -25.69 39.14
CA GLU C 247 37.32 -27.13 39.33
C GLU C 247 36.85 -27.92 38.09
N HIS C 248 37.44 -29.08 37.87
CA HIS C 248 37.10 -29.99 36.80
C HIS C 248 36.32 -31.09 37.45
N ARG C 249 35.29 -31.57 36.75
CA ARG C 249 34.46 -32.68 37.22
C ARG C 249 34.15 -33.60 36.07
N LEU C 250 33.96 -34.89 36.36
CA LEU C 250 33.45 -35.83 35.36
C LEU C 250 32.01 -35.44 35.11
N ILE C 251 31.56 -35.50 33.84
CA ILE C 251 30.22 -35.07 33.42
C ILE C 251 29.08 -35.73 34.24
N ASP C 252 29.14 -37.05 34.49
CA ASP C 252 28.08 -37.73 35.25
C ASP C 252 28.07 -37.28 36.73
N ASP C 253 29.24 -37.00 37.32
CA ASP C 253 29.32 -36.42 38.66
C ASP C 253 28.71 -35.03 38.66
N MET C 254 29.13 -34.19 37.69
CA MET C 254 28.70 -32.81 37.52
C MET C 254 27.19 -32.63 37.42
N VAL C 255 26.51 -33.45 36.59
CA VAL C 255 25.07 -33.32 36.43
C VAL C 255 24.35 -33.62 37.76
N ALA C 256 24.88 -34.59 38.55
CA ALA C 256 24.34 -34.94 39.88
C ALA C 256 24.61 -33.79 40.84
N GLN C 257 25.85 -33.22 40.82
CA GLN C 257 26.23 -32.08 41.66
C GLN C 257 25.29 -30.89 41.36
N ALA C 258 25.09 -30.56 40.06
CA ALA C 258 24.23 -29.43 39.64
C ALA C 258 22.81 -29.61 40.16
N MET C 259 22.27 -30.81 39.99
CA MET C 259 20.94 -31.21 40.42
C MET C 259 20.72 -30.95 41.93
N LYS C 260 21.72 -31.26 42.80
CA LYS C 260 21.57 -31.08 44.24
C LYS C 260 22.15 -29.75 44.75
N SER C 261 22.64 -28.88 43.86
CA SER C 261 23.23 -27.60 44.28
C SER C 261 22.14 -26.54 44.50
N GLU C 262 22.57 -25.34 44.82
CA GLU C 262 21.68 -24.19 44.98
C GLU C 262 21.86 -23.18 43.85
N GLY C 263 22.59 -23.61 42.81
CA GLY C 263 22.92 -22.76 41.67
C GLY C 263 24.09 -21.87 42.03
N GLY C 264 24.27 -20.79 41.28
CA GLY C 264 25.34 -19.84 41.56
C GLY C 264 26.70 -20.30 41.10
N PHE C 265 26.79 -20.75 39.85
CA PHE C 265 28.06 -21.17 39.28
C PHE C 265 28.02 -21.08 37.77
N ILE C 266 29.20 -21.10 37.15
CA ILE C 266 29.36 -21.11 35.71
C ILE C 266 29.72 -22.56 35.38
N TRP C 267 29.04 -23.12 34.39
CA TRP C 267 29.27 -24.49 33.95
C TRP C 267 29.80 -24.52 32.49
N ALA C 268 31.11 -24.67 32.34
CA ALA C 268 31.78 -24.79 31.03
C ALA C 268 31.47 -26.22 30.49
N CYS C 269 30.70 -26.30 29.39
CA CYS C 269 30.27 -27.58 28.80
C CYS C 269 30.89 -27.74 27.44
N LYS C 270 31.25 -28.97 27.08
CA LYS C 270 31.66 -29.27 25.71
C LYS C 270 30.38 -29.11 24.89
N ASN C 271 30.51 -28.89 23.60
CA ASN C 271 29.42 -28.60 22.67
C ASN C 271 28.15 -29.47 22.87
N TYR C 272 28.29 -30.81 22.84
CA TYR C 272 27.17 -31.75 23.04
C TYR C 272 26.55 -31.65 24.43
N ASP C 273 27.35 -31.58 25.48
CA ASP C 273 26.83 -31.48 26.85
C ASP C 273 26.13 -30.16 27.07
N GLY C 274 26.64 -29.11 26.43
CA GLY C 274 26.07 -27.78 26.51
C GLY C 274 24.72 -27.77 25.87
N ASP C 275 24.59 -28.44 24.73
CA ASP C 275 23.30 -28.59 24.08
C ASP C 275 22.26 -29.29 25.01
N VAL C 276 22.59 -30.49 25.49
CA VAL C 276 21.70 -31.33 26.33
C VAL C 276 21.39 -30.70 27.68
N GLN C 277 22.43 -30.34 28.46
CA GLN C 277 22.25 -29.78 29.78
C GLN C 277 21.57 -28.42 29.81
N SER C 278 21.73 -27.57 28.75
CA SER C 278 21.07 -26.27 28.73
C SER C 278 19.56 -26.45 28.69
N ASP C 279 19.08 -27.53 28.00
CA ASP C 279 17.65 -27.84 27.95
C ASP C 279 17.10 -28.33 29.29
N SER C 280 17.89 -29.15 29.98
CA SER C 280 17.60 -29.72 31.30
C SER C 280 17.59 -28.58 32.35
N VAL C 281 18.60 -27.70 32.31
CA VAL C 281 18.67 -26.57 33.23
C VAL C 281 17.51 -25.62 33.00
N ALA C 282 17.21 -25.26 31.72
CA ALA C 282 16.08 -24.38 31.37
C ALA C 282 14.77 -24.92 31.94
N GLN C 283 14.50 -26.20 31.71
CA GLN C 283 13.32 -26.87 32.21
C GLN C 283 13.23 -26.90 33.74
N GLY C 284 14.36 -27.18 34.41
CA GLY C 284 14.48 -27.20 35.87
C GLY C 284 14.06 -25.87 36.51
N TYR C 285 14.42 -24.74 35.87
CA TYR C 285 14.03 -23.41 36.34
C TYR C 285 12.57 -23.09 36.07
N GLY C 286 11.99 -23.75 35.07
CA GLY C 286 10.59 -23.56 34.73
C GLY C 286 10.10 -23.82 33.32
N SER C 287 10.81 -23.36 32.26
CA SER C 287 10.39 -23.48 30.85
C SER C 287 11.53 -23.22 29.86
N LEU C 288 11.57 -23.89 28.66
CA LEU C 288 12.57 -23.63 27.57
C LEU C 288 12.36 -22.26 26.89
N GLY C 289 11.12 -21.74 26.94
CA GLY C 289 10.83 -20.42 26.40
C GLY C 289 11.38 -19.33 27.30
N MET C 290 11.95 -19.74 28.45
CA MET C 290 12.49 -18.86 29.47
C MET C 290 14.00 -19.02 29.63
N MET C 291 14.72 -18.82 28.51
CA MET C 291 16.17 -18.92 28.54
C MET C 291 16.81 -18.02 27.47
N THR C 292 17.95 -17.40 27.81
CA THR C 292 18.76 -16.62 26.88
C THR C 292 19.81 -17.52 26.25
N SER C 293 20.37 -17.12 25.09
CA SER C 293 21.37 -17.90 24.35
C SER C 293 22.22 -16.94 23.51
N VAL C 294 23.42 -16.65 23.95
CA VAL C 294 24.25 -15.70 23.23
C VAL C 294 25.60 -16.30 22.84
N LEU C 295 25.86 -16.37 21.54
CA LEU C 295 27.15 -16.80 21.04
C LEU C 295 28.13 -15.61 21.16
N VAL C 296 29.13 -15.74 22.04
CA VAL C 296 30.16 -14.74 22.25
C VAL C 296 31.37 -15.23 21.44
N CYS C 297 31.71 -14.52 20.36
CA CYS C 297 32.81 -14.92 19.46
C CYS C 297 34.20 -14.62 20.05
N PRO C 298 35.27 -15.34 19.60
CA PRO C 298 36.60 -15.14 20.19
C PRO C 298 37.24 -13.76 19.98
N ASP C 299 36.77 -12.97 18.97
CA ASP C 299 37.26 -11.61 18.69
C ASP C 299 36.91 -10.60 19.79
N GLY C 300 35.93 -10.92 20.64
CA GLY C 300 35.48 -10.07 21.73
C GLY C 300 34.63 -8.89 21.29
N LYS C 301 34.13 -8.91 20.05
CA LYS C 301 33.39 -7.83 19.44
C LYS C 301 32.10 -8.31 18.78
N THR C 302 32.07 -9.57 18.33
CA THR C 302 30.95 -10.15 17.59
C THR C 302 30.09 -11.08 18.46
N VAL C 303 28.75 -10.92 18.35
CA VAL C 303 27.80 -11.78 19.05
C VAL C 303 26.69 -12.19 18.11
N GLU C 304 26.07 -13.33 18.41
CA GLU C 304 24.88 -13.81 17.72
C GLU C 304 23.93 -14.24 18.82
N ALA C 305 22.78 -13.56 18.94
CA ALA C 305 21.77 -13.86 19.97
C ALA C 305 20.61 -14.63 19.34
N GLU C 306 20.03 -15.59 20.08
CA GLU C 306 18.99 -16.46 19.51
C GLU C 306 18.04 -17.02 20.54
N ALA C 307 16.93 -17.55 20.05
CA ALA C 307 15.99 -18.33 20.83
C ALA C 307 16.55 -19.79 20.70
N ALA C 308 17.21 -20.29 21.79
CA ALA C 308 17.82 -21.62 21.98
C ALA C 308 16.85 -22.77 21.72
N HIS C 309 15.53 -22.52 21.89
CA HIS C 309 14.50 -23.50 21.64
C HIS C 309 14.30 -23.57 20.16
N GLY C 310 13.39 -24.40 19.71
CA GLY C 310 13.16 -24.51 18.28
C GLY C 310 11.91 -23.82 17.79
N THR C 311 11.41 -24.31 16.64
CA THR C 311 10.30 -23.73 15.89
C THR C 311 8.99 -24.02 16.53
N VAL C 312 9.00 -24.80 17.65
CA VAL C 312 7.78 -25.23 18.37
C VAL C 312 6.78 -25.81 17.35
N THR C 313 7.28 -26.79 16.50
CA THR C 313 6.52 -27.47 15.41
C THR C 313 5.16 -27.88 15.95
N ARG C 314 5.19 -28.66 17.05
CA ARG C 314 4.10 -29.15 17.88
C ARG C 314 2.97 -28.11 18.01
N HIS C 315 3.36 -26.87 18.41
CA HIS C 315 2.54 -25.67 18.65
C HIS C 315 2.09 -25.00 17.30
N TYR C 316 2.96 -25.02 16.24
CA TYR C 316 2.61 -24.48 14.91
C TYR C 316 1.58 -25.37 14.21
N ARG C 317 1.71 -26.72 14.41
CA ARG C 317 0.82 -27.75 13.82
C ARG C 317 -0.64 -27.46 14.14
N MET C 318 -0.90 -26.86 15.33
CA MET C 318 -2.21 -26.45 15.87
C MET C 318 -2.71 -25.14 15.23
N TYR C 319 -1.82 -24.13 15.08
CA TYR C 319 -2.10 -22.83 14.43
C TYR C 319 -2.53 -23.06 12.98
N GLN C 320 -1.93 -24.07 12.32
CA GLN C 320 -2.24 -24.44 10.93
C GLN C 320 -3.70 -24.86 10.77
N LYS C 321 -4.27 -25.53 11.82
CA LYS C 321 -5.68 -25.96 11.88
C LYS C 321 -6.65 -24.81 12.29
N GLY C 322 -6.15 -23.58 12.27
CA GLY C 322 -6.94 -22.38 12.59
C GLY C 322 -7.45 -22.31 14.01
N GLN C 323 -6.72 -22.91 14.95
CA GLN C 323 -7.09 -22.89 16.36
C GLN C 323 -6.51 -21.63 17.05
N GLU C 324 -6.61 -21.60 18.39
CA GLU C 324 -6.03 -20.57 19.25
C GLU C 324 -4.70 -21.12 19.76
N THR C 325 -3.67 -20.27 19.80
CA THR C 325 -2.31 -20.60 20.25
C THR C 325 -1.87 -19.72 21.41
N SER C 326 -0.95 -20.23 22.23
CA SER C 326 -0.37 -19.52 23.37
C SER C 326 1.15 -19.80 23.40
N THR C 327 1.86 -19.24 22.42
CA THR C 327 3.31 -19.50 22.34
C THR C 327 4.08 -18.45 23.08
N ASN C 328 5.04 -18.87 23.87
CA ASN C 328 5.88 -18.02 24.71
C ASN C 328 6.95 -17.33 23.83
N PRO C 329 6.83 -15.99 23.65
CA PRO C 329 7.78 -15.28 22.77
C PRO C 329 9.00 -14.71 23.52
N ILE C 330 9.10 -14.94 24.83
CA ILE C 330 10.13 -14.34 25.66
C ILE C 330 11.55 -14.63 25.19
N ALA C 331 11.90 -15.92 24.91
CA ALA C 331 13.27 -16.24 24.47
C ALA C 331 13.58 -15.56 23.13
N SER C 332 12.60 -15.48 22.23
CA SER C 332 12.74 -14.77 20.95
C SER C 332 12.89 -13.25 21.20
N ILE C 333 12.18 -12.68 22.23
CA ILE C 333 12.33 -11.25 22.59
C ILE C 333 13.76 -10.98 23.11
N PHE C 334 14.28 -11.88 23.97
CA PHE C 334 15.62 -11.73 24.56
C PHE C 334 16.73 -11.93 23.54
N ALA C 335 16.45 -12.56 22.40
CA ALA C 335 17.43 -12.62 21.29
C ALA C 335 17.58 -11.14 20.78
N TRP C 336 16.46 -10.42 20.61
CA TRP C 336 16.51 -9.03 20.17
C TRP C 336 17.16 -8.12 21.21
N THR C 337 16.76 -8.21 22.50
CA THR C 337 17.34 -7.39 23.57
C THR C 337 18.82 -7.68 23.81
N ARG C 338 19.26 -8.96 23.74
CA ARG C 338 20.69 -9.24 23.96
C ARG C 338 21.51 -8.74 22.77
N GLY C 339 20.95 -8.87 21.56
CA GLY C 339 21.58 -8.36 20.34
C GLY C 339 21.71 -6.83 20.36
N LEU C 340 20.60 -6.13 20.69
CA LEU C 340 20.56 -4.66 20.79
C LEU C 340 21.43 -4.11 21.90
N ALA C 341 21.52 -4.81 23.05
CA ALA C 341 22.38 -4.42 24.16
C ALA C 341 23.84 -4.46 23.73
N HIS C 342 24.21 -5.49 22.94
CA HIS C 342 25.60 -5.60 22.47
C HIS C 342 25.91 -4.51 21.45
N ARG C 343 24.94 -4.21 20.55
CA ARG C 343 25.03 -3.15 19.55
C ARG C 343 25.26 -1.79 20.25
N ALA C 344 24.54 -1.54 21.36
CA ALA C 344 24.63 -0.34 22.17
C ALA C 344 26.01 -0.21 22.81
N LYS C 345 26.55 -1.33 23.33
CA LYS C 345 27.86 -1.39 24.00
C LYS C 345 28.98 -1.07 22.99
N LEU C 346 28.85 -1.54 21.73
CA LEU C 346 29.81 -1.30 20.65
C LEU C 346 29.77 0.16 20.19
N ASP C 347 28.57 0.75 20.15
CA ASP C 347 28.35 2.11 19.64
C ASP C 347 28.31 3.22 20.73
N ASN C 348 28.42 2.84 22.03
CA ASN C 348 28.31 3.74 23.19
C ASN C 348 27.00 4.53 23.12
N ASN C 349 25.92 3.80 22.78
CA ASN C 349 24.55 4.28 22.61
C ASN C 349 23.75 4.01 23.88
N LYS C 350 23.65 5.04 24.74
CA LYS C 350 22.98 4.99 26.05
C LYS C 350 21.49 4.77 25.92
N GLU C 351 20.90 5.31 24.86
CA GLU C 351 19.48 5.22 24.55
C GLU C 351 19.10 3.81 24.11
N LEU C 352 19.94 3.16 23.26
CA LEU C 352 19.68 1.79 22.80
C LEU C 352 19.81 0.81 23.96
N ALA C 353 20.84 1.01 24.80
CA ALA C 353 21.14 0.22 26.01
C ALA C 353 19.98 0.30 27.00
N PHE C 354 19.39 1.49 27.13
CA PHE C 354 18.26 1.72 28.02
C PHE C 354 17.09 0.97 27.49
N PHE C 355 16.82 1.11 26.15
CA PHE C 355 15.69 0.41 25.52
C PHE C 355 15.79 -1.12 25.69
N ALA C 356 16.98 -1.69 25.42
CA ALA C 356 17.22 -3.15 25.50
C ALA C 356 16.90 -3.69 26.88
N ASN C 357 17.43 -3.06 27.92
CA ASN C 357 17.16 -3.40 29.33
C ASN C 357 15.68 -3.22 29.68
N ALA C 358 15.08 -2.10 29.25
CA ALA C 358 13.67 -1.79 29.55
C ALA C 358 12.73 -2.90 28.99
N LEU C 359 12.99 -3.37 27.76
CA LEU C 359 12.18 -4.46 27.16
C LEU C 359 12.32 -5.79 27.95
N GLU C 360 13.52 -6.04 28.52
CA GLU C 360 13.75 -7.24 29.37
C GLU C 360 12.95 -7.15 30.67
N GLU C 361 12.96 -5.96 31.31
CA GLU C 361 12.21 -5.67 32.55
C GLU C 361 10.73 -5.81 32.29
N VAL C 362 10.24 -5.21 31.18
CA VAL C 362 8.82 -5.28 30.76
C VAL C 362 8.36 -6.72 30.63
N SER C 363 9.18 -7.57 29.97
CA SER C 363 8.91 -8.99 29.77
C SER C 363 8.69 -9.70 31.13
N ILE C 364 9.66 -9.55 32.04
CA ILE C 364 9.61 -10.19 33.36
C ILE C 364 8.45 -9.64 34.21
N GLU C 365 8.28 -8.29 34.23
CA GLU C 365 7.21 -7.61 34.98
C GLU C 365 5.83 -8.02 34.52
N THR C 366 5.66 -8.25 33.18
CA THR C 366 4.37 -8.68 32.60
C THR C 366 3.94 -10.01 33.20
N ILE C 367 4.84 -11.02 33.19
CA ILE C 367 4.59 -12.37 33.71
C ILE C 367 4.36 -12.31 35.23
N GLU C 368 5.19 -11.54 35.93
CA GLU C 368 5.11 -11.35 37.38
C GLU C 368 3.80 -10.67 37.79
N ALA C 369 3.18 -9.92 36.86
CA ALA C 369 1.87 -9.27 37.07
C ALA C 369 0.73 -10.26 36.82
N GLY C 370 1.06 -11.50 36.45
CA GLY C 370 0.09 -12.57 36.26
C GLY C 370 -0.41 -12.74 34.85
N PHE C 371 0.23 -12.06 33.88
CA PHE C 371 -0.14 -12.16 32.47
C PHE C 371 0.93 -13.01 31.78
N MET C 372 0.53 -14.22 31.39
CA MET C 372 1.45 -15.19 30.81
C MET C 372 0.79 -16.14 29.81
N THR C 373 1.62 -16.89 29.08
CA THR C 373 1.20 -17.89 28.10
C THR C 373 0.90 -19.22 28.80
N LYS C 374 0.16 -20.15 28.14
CA LYS C 374 -0.28 -21.44 28.69
C LYS C 374 0.80 -22.23 29.45
N ASP C 375 2.02 -22.33 28.87
CA ASP C 375 3.16 -23.04 29.46
C ASP C 375 3.50 -22.59 30.88
N LEU C 376 3.61 -21.25 31.08
CA LEU C 376 3.95 -20.65 32.36
C LEU C 376 2.81 -20.79 33.36
N ALA C 377 1.55 -20.73 32.88
CA ALA C 377 0.36 -20.95 33.71
C ALA C 377 0.37 -22.41 34.22
N ALA C 378 0.86 -23.36 33.38
CA ALA C 378 1.01 -24.76 33.75
C ALA C 378 2.09 -24.93 34.81
N CYS C 379 3.13 -24.09 34.80
CA CYS C 379 4.17 -24.09 35.84
C CYS C 379 3.55 -23.87 37.22
N ILE C 380 2.65 -22.88 37.31
CA ILE C 380 2.03 -22.46 38.56
C ILE C 380 0.95 -23.44 39.03
N LYS C 381 0.01 -23.80 38.15
CA LYS C 381 -1.16 -24.60 38.49
C LYS C 381 -1.12 -26.10 38.18
N GLY C 382 -0.21 -26.50 37.31
CA GLY C 382 -0.16 -27.87 36.82
C GLY C 382 -1.06 -27.92 35.60
N LEU C 383 -0.59 -28.53 34.50
CA LEU C 383 -1.33 -28.58 33.23
C LEU C 383 -2.80 -29.06 33.34
N PRO C 384 -3.18 -30.12 34.11
CA PRO C 384 -4.61 -30.49 34.18
C PRO C 384 -5.52 -29.45 34.83
N ASN C 385 -4.96 -28.64 35.76
CA ASN C 385 -5.68 -27.61 36.52
C ASN C 385 -5.71 -26.23 35.84
N VAL C 386 -5.19 -26.14 34.60
CA VAL C 386 -5.14 -24.90 33.82
C VAL C 386 -6.45 -24.67 33.05
N GLN C 387 -7.01 -23.47 33.21
CA GLN C 387 -8.24 -23.02 32.55
C GLN C 387 -7.90 -21.85 31.65
N ARG C 388 -8.76 -21.57 30.64
CA ARG C 388 -8.58 -20.48 29.67
C ARG C 388 -8.30 -19.11 30.31
N SER C 389 -8.95 -18.83 31.45
CA SER C 389 -8.82 -17.60 32.23
C SER C 389 -7.42 -17.37 32.83
N ASP C 390 -6.66 -18.47 33.04
CA ASP C 390 -5.30 -18.44 33.63
C ASP C 390 -4.17 -17.97 32.68
N TYR C 391 -4.45 -17.90 31.36
CA TYR C 391 -3.42 -17.51 30.39
C TYR C 391 -3.94 -16.62 29.27
N LEU C 392 -3.02 -16.04 28.50
CA LEU C 392 -3.33 -15.19 27.36
C LEU C 392 -2.89 -15.92 26.09
N ASN C 393 -3.59 -15.64 24.97
CA ASN C 393 -3.17 -16.25 23.71
C ASN C 393 -1.92 -15.51 23.17
N THR C 394 -1.33 -16.01 22.07
CA THR C 394 -0.13 -15.45 21.45
C THR C 394 -0.25 -13.94 21.23
N PHE C 395 -1.35 -13.50 20.57
CA PHE C 395 -1.59 -12.09 20.26
C PHE C 395 -1.87 -11.24 21.52
N GLU C 396 -2.72 -11.74 22.44
CA GLU C 396 -3.09 -11.12 23.70
C GLU C 396 -1.83 -10.83 24.52
N PHE C 397 -0.93 -11.83 24.64
CA PHE C 397 0.30 -11.67 25.38
C PHE C 397 1.20 -10.61 24.77
N MET C 398 1.34 -10.60 23.43
CA MET C 398 2.14 -9.60 22.70
C MET C 398 1.57 -8.19 22.93
N ASP C 399 0.23 -8.04 22.96
CA ASP C 399 -0.47 -6.76 23.18
C ASP C 399 -0.15 -6.21 24.57
N LYS C 400 -0.18 -7.08 25.59
CA LYS C 400 0.13 -6.71 26.96
C LYS C 400 1.58 -6.20 27.09
N LEU C 401 2.53 -6.91 26.43
CA LEU C 401 3.94 -6.50 26.44
C LEU C 401 4.11 -5.14 25.74
N GLY C 402 3.43 -4.92 24.60
CA GLY C 402 3.49 -3.67 23.82
C GLY C 402 2.98 -2.49 24.64
N GLU C 403 1.87 -2.70 25.36
CA GLU C 403 1.26 -1.70 26.25
C GLU C 403 2.25 -1.35 27.41
N ASN C 404 2.80 -2.39 28.07
CA ASN C 404 3.74 -2.19 29.16
C ASN C 404 5.04 -1.56 28.70
N LEU C 405 5.48 -1.88 27.46
CA LEU C 405 6.70 -1.29 26.91
C LEU C 405 6.47 0.22 26.63
N LYS C 406 5.33 0.58 26.02
CA LYS C 406 4.93 1.97 25.75
C LYS C 406 4.96 2.78 27.05
N ILE C 407 4.37 2.22 28.14
CA ILE C 407 4.31 2.84 29.47
C ILE C 407 5.71 3.08 30.05
N LYS C 408 6.55 2.03 30.09
CA LYS C 408 7.90 2.12 30.65
C LYS C 408 8.76 3.17 29.93
N LEU C 409 8.66 3.22 28.59
CA LEU C 409 9.45 4.17 27.80
C LEU C 409 8.90 5.61 27.91
N ALA C 410 7.57 5.79 28.05
CA ALA C 410 6.96 7.13 28.21
C ALA C 410 7.40 7.73 29.54
N GLN C 411 7.32 6.95 30.64
CA GLN C 411 7.72 7.36 31.99
C GLN C 411 9.20 7.70 32.09
N ALA C 412 10.04 7.00 31.32
CA ALA C 412 11.49 7.25 31.30
C ALA C 412 11.81 8.59 30.60
N LYS C 413 11.07 8.90 29.52
CA LYS C 413 11.20 10.12 28.72
C LYS C 413 10.78 11.34 29.56
N LEU C 414 9.64 11.22 30.28
CA LEU C 414 9.07 12.23 31.19
C LEU C 414 10.05 12.51 32.34
N SER C 415 10.75 11.45 32.83
CA SER C 415 11.72 11.53 33.92
C SER C 415 12.94 12.43 33.61
N LEU C 416 13.18 12.75 32.32
CA LEU C 416 14.27 13.64 31.88
C LEU C 416 13.92 15.12 32.19
N GLU C 417 14.70 15.73 33.10
CA GLU C 417 14.47 17.09 33.63
C GLU C 417 14.81 18.23 32.68
N HIS C 418 14.10 19.38 32.83
CA HIS C 418 14.23 20.60 32.05
C HIS C 418 15.51 21.37 32.42
#